data_9MGL
#
_entry.id   9MGL
#
_cell.length_a   99.740
_cell.length_b   136.970
_cell.length_c   178.890
_cell.angle_alpha   90.000
_cell.angle_beta   90.000
_cell.angle_gamma   90.000
#
_symmetry.space_group_name_H-M   'I 2 2 2'
#
loop_
_entity.id
_entity.type
_entity.pdbx_description
1 polymer 'Protein arginine N-methyltransferase 5'
2 polymer 'Methylosome protein 50'
3 non-polymer pemrametostat
4 non-polymer "5'-DEOXY-5'-METHYLTHIOADENOSINE"
5 non-polymer 'SULFATE ION'
6 non-polymer 1,2-ETHANEDIOL
7 non-polymer DI(HYDROXYETHYL)ETHER
8 water water
#
loop_
_entity_poly.entity_id
_entity_poly.type
_entity_poly.pdbx_seq_one_letter_code
_entity_poly.pdbx_strand_id
1 'polypeptide(L)'
;MDYKDDDDKAAMAVGGAGGSRVSSGRDLNCVPEIADTLGAVAKQGFDFLCMPVFHPRFKREFIQEPAKNRPGPQTRSDLL
LSGRDWNTLIVGKLSPWIRPDSKVEKIRRNSEAAMLQELNFGAYLGLPAFLLPLNQEDNTNLARVLTNHIHTGHHSSMFW
MRVPLVAPEDLRDDIIENAPTTHTEEYSGEEKTWMWWHNFRTLCDYSKRIAVALEIGADLPSNHVIDRWLGEPIKAAILP
TSIFLTNKKGFPVLSKMHQRLIFRLLKLEVQFIITGTNHHSEKEFCSYLQYLEYLSQNRPPPNAYELFAKGYEDYLQSPL
QPLMDNLESQTYEVFEKDPIKYSQYQQAIYKCLLDRVPEEEKDTNVQVLMVLGAGRGPLVNASLRAAKQADRRIKLYAVE
KNPNAVVTLENWQFEEWGSQVTVVSSDMREWVAPEKADIIVSELLGSFADNELSPECLDGAQHFLKDDGVSIPGEYTSFL
APISSSKLYNEVRACREKDRDPEAQFEMPYVVRLHNFHQLSAPQPCFTFSHPNRDPMIDNNRYCTLEFPVEVNTVLHGFA
GYFETVLYQDITLSIRPETHSPGMFSWFPILFPIKQPITVREGQTICVRFWRCSNSKKVWYEWAVTAPVCSAIHNPTGRS
YTIGL
;
A
2 'polypeptide(L)'
;MHHHHHHHHRKETPPPLVPPAAREWNLPPNAPACMERQLEAARYRSDGALLLGASSLSGRCWAGSLWLFKDPCAAPNEGF
CSAGVQTEAGVADLTWVGERGILVASDSGAVELWELDENETLIVSKFCKYEHDDIVSTVSVLSSGTQAVSGSKDICIKVW
DLAQQVVLSSYRAHAAQVTCVAASPHKDSVFLSCSEDNRILLWDTRCPKPASQIGCSAPGYLPTSLAWHPQQSEVFVFGD
ENGTVSLVDTKSTSCVLSSAVHSQCVTGLVFSPHSVPFLASLSEDCSLAVLDSSLSELFRSQAHRDFVRDATWSPLNHSL
LTTVGWDHQVVHHVVPTEPLPAPGPASVTE
;
B
#
# COMPACT_ATOMS: atom_id res chain seq x y z
N ARG A 21 19.62 -3.10 -6.70
CA ARG A 21 18.71 -4.19 -7.03
C ARG A 21 17.33 -3.90 -6.47
N VAL A 22 16.30 -4.11 -7.28
CA VAL A 22 14.93 -3.74 -6.92
C VAL A 22 13.95 -4.83 -7.35
N SER A 23 13.09 -5.23 -6.42
CA SER A 23 12.05 -6.21 -6.72
C SER A 23 10.93 -5.50 -7.43
N SER A 24 10.52 -6.02 -8.59
CA SER A 24 9.65 -5.28 -9.48
C SER A 24 8.56 -6.17 -10.08
N GLY A 25 7.40 -5.55 -10.30
CA GLY A 25 6.25 -6.28 -10.73
C GLY A 25 5.46 -5.51 -11.76
N ARG A 26 4.71 -6.24 -12.57
CA ARG A 26 3.88 -5.61 -13.59
C ARG A 26 2.41 -5.93 -13.39
N ASP A 27 1.57 -4.92 -13.49
CA ASP A 27 0.15 -5.06 -13.27
C ASP A 27 -0.59 -5.07 -14.60
N LEU A 28 -1.57 -5.96 -14.75
CA LEU A 28 -2.42 -5.97 -15.93
C LEU A 28 -3.82 -6.45 -15.59
N ASN A 29 -4.79 -6.03 -16.41
CA ASN A 29 -6.13 -6.59 -16.37
C ASN A 29 -6.47 -7.34 -17.65
N CYS A 30 -5.46 -7.65 -18.45
CA CYS A 30 -5.69 -8.30 -19.72
C CYS A 30 -4.56 -9.29 -19.93
N VAL A 31 -4.90 -10.56 -19.87
CA VAL A 31 -3.92 -11.63 -20.05
C VAL A 31 -4.60 -12.76 -20.82
N PRO A 32 -4.47 -12.78 -22.18
CA PRO A 32 -5.26 -13.75 -22.95
C PRO A 32 -4.67 -15.13 -22.81
N GLU A 33 -3.34 -15.21 -22.89
CA GLU A 33 -2.58 -16.45 -22.72
C GLU A 33 -1.62 -16.22 -21.57
N ILE A 34 -1.76 -17.05 -20.53
CA ILE A 34 -0.96 -16.83 -19.33
C ILE A 34 0.51 -17.18 -19.55
N ALA A 35 0.77 -18.29 -20.24
CA ALA A 35 2.15 -18.67 -20.56
C ALA A 35 2.88 -17.57 -21.33
N ASP A 36 2.27 -17.11 -22.42
CA ASP A 36 2.89 -16.10 -23.28
C ASP A 36 3.19 -14.83 -22.52
N THR A 37 2.16 -14.26 -21.90
CA THR A 37 2.32 -12.95 -21.30
C THR A 37 3.34 -13.02 -20.16
N LEU A 38 3.28 -14.08 -19.35
CA LEU A 38 4.22 -14.22 -18.23
C LEU A 38 5.67 -14.26 -18.74
N GLY A 39 5.90 -15.01 -19.83
CA GLY A 39 7.22 -14.97 -20.45
C GLY A 39 7.62 -13.58 -20.95
N ALA A 40 6.70 -12.85 -21.56
CA ALA A 40 7.06 -11.56 -22.14
C ALA A 40 7.42 -10.55 -21.05
N VAL A 41 6.70 -10.59 -19.93
CA VAL A 41 7.01 -9.64 -18.86
C VAL A 41 8.28 -10.07 -18.15
N ALA A 42 8.52 -11.38 -18.03
CA ALA A 42 9.75 -11.82 -17.37
C ALA A 42 10.95 -11.46 -18.22
N LYS A 43 10.81 -11.50 -19.54
CA LYS A 43 11.91 -11.12 -20.40
C LYS A 43 12.13 -9.62 -20.38
N GLN A 44 11.07 -8.84 -20.13
CA GLN A 44 11.26 -7.40 -19.94
C GLN A 44 12.23 -7.08 -18.79
N GLY A 45 12.18 -7.84 -17.70
CA GLY A 45 13.03 -7.60 -16.56
C GLY A 45 12.32 -7.68 -15.22
N PHE A 46 11.07 -8.13 -15.25
CA PHE A 46 10.20 -8.11 -14.08
C PHE A 46 10.30 -9.39 -13.26
N ASP A 47 10.18 -9.22 -11.94
CA ASP A 47 10.24 -10.36 -11.04
C ASP A 47 8.89 -11.04 -10.88
N PHE A 48 7.79 -10.29 -10.98
CA PHE A 48 6.51 -10.96 -10.82
C PHE A 48 5.39 -10.23 -11.54
N LEU A 49 4.21 -10.85 -11.52
CA LEU A 49 3.05 -10.36 -12.24
C LEU A 49 1.81 -10.27 -11.34
N CYS A 50 1.09 -9.15 -11.48
CA CYS A 50 -0.23 -8.96 -10.86
C CYS A 50 -1.29 -9.11 -11.95
N MET A 51 -2.07 -10.18 -11.90
CA MET A 51 -3.13 -10.44 -12.87
C MET A 51 -4.41 -10.82 -12.15
N PRO A 52 -5.53 -10.83 -12.88
CA PRO A 52 -6.76 -11.33 -12.29
C PRO A 52 -6.79 -12.83 -12.47
N VAL A 53 -7.29 -13.47 -11.44
CA VAL A 53 -7.42 -14.90 -11.47
C VAL A 53 -8.66 -15.32 -12.20
N PHE A 54 -9.62 -14.42 -12.33
CA PHE A 54 -10.82 -14.63 -13.13
C PHE A 54 -10.84 -13.52 -14.15
N HIS A 55 -11.67 -13.66 -15.15
CA HIS A 55 -11.75 -12.60 -16.12
C HIS A 55 -12.50 -11.44 -15.48
N PRO A 56 -11.91 -10.25 -15.48
CA PRO A 56 -12.51 -9.11 -14.77
C PRO A 56 -13.85 -8.66 -15.27
N ARG A 57 -14.23 -9.05 -16.47
CA ARG A 57 -15.56 -8.74 -16.98
C ARG A 57 -16.53 -9.91 -16.81
N PHE A 58 -16.03 -11.10 -16.48
CA PHE A 58 -16.87 -12.29 -16.36
C PHE A 58 -17.65 -12.19 -15.07
N LYS A 59 -18.79 -11.52 -15.13
CA LYS A 59 -19.62 -11.38 -13.95
C LYS A 59 -20.46 -12.62 -13.75
N ARG A 60 -20.53 -13.07 -12.49
CA ARG A 60 -21.11 -14.34 -12.09
C ARG A 60 -22.21 -14.15 -11.06
N GLU A 61 -23.31 -14.86 -11.25
CA GLU A 61 -24.46 -14.75 -10.37
C GLU A 61 -24.54 -16.04 -9.57
N PHE A 62 -24.86 -15.91 -8.29
CA PHE A 62 -24.91 -17.03 -7.38
C PHE A 62 -26.29 -17.30 -6.83
N ILE A 63 -27.28 -16.46 -7.03
CA ILE A 63 -28.56 -16.58 -6.38
C ILE A 63 -29.70 -16.83 -7.37
N GLN A 64 -29.87 -15.92 -8.34
CA GLN A 64 -31.02 -15.96 -9.27
C GLN A 64 -30.74 -16.89 -10.43
N GLU A 65 -31.74 -17.69 -10.81
CA GLU A 65 -31.70 -18.38 -12.08
C GLU A 65 -32.25 -17.51 -13.19
N PRO A 66 -31.87 -17.75 -14.43
CA PRO A 66 -31.03 -18.84 -14.91
C PRO A 66 -29.53 -18.59 -14.89
N ALA A 67 -29.09 -17.41 -14.49
CA ALA A 67 -27.68 -17.12 -14.63
C ALA A 67 -26.82 -17.89 -13.62
N LYS A 68 -27.40 -18.35 -12.51
CA LYS A 68 -26.59 -18.96 -11.46
C LYS A 68 -26.08 -20.32 -11.87
N ASN A 69 -26.85 -21.00 -12.73
CA ASN A 69 -26.47 -22.31 -13.25
C ASN A 69 -25.66 -22.19 -14.53
N ARG A 70 -24.93 -21.11 -14.71
CA ARG A 70 -24.12 -20.97 -15.92
C ARG A 70 -23.09 -22.08 -15.97
N PRO A 71 -22.93 -22.74 -17.11
CA PRO A 71 -22.02 -23.88 -17.18
C PRO A 71 -20.56 -23.48 -17.14
N GLY A 72 -19.76 -24.30 -16.44
CA GLY A 72 -18.36 -24.02 -16.23
C GLY A 72 -17.51 -24.22 -17.48
N PRO A 73 -16.21 -24.06 -17.34
CA PRO A 73 -15.43 -23.70 -16.16
C PRO A 73 -15.50 -22.22 -15.88
N GLN A 74 -15.31 -21.76 -14.64
CA GLN A 74 -15.44 -20.35 -14.33
C GLN A 74 -14.18 -19.57 -14.67
N THR A 75 -13.04 -20.23 -14.82
CA THR A 75 -11.79 -19.53 -15.08
C THR A 75 -10.78 -20.47 -15.71
N ARG A 76 -9.59 -19.95 -15.99
CA ARG A 76 -8.53 -20.75 -16.57
C ARG A 76 -8.06 -21.77 -15.53
N SER A 77 -7.24 -22.71 -15.97
CA SER A 77 -6.87 -23.89 -15.18
C SER A 77 -5.54 -23.74 -14.45
N ASP A 78 -5.48 -24.34 -13.26
CA ASP A 78 -4.28 -24.26 -12.44
C ASP A 78 -3.08 -24.94 -13.06
N LEU A 79 -3.31 -25.84 -14.01
CA LEU A 79 -2.22 -26.62 -14.58
C LEU A 79 -1.39 -25.82 -15.56
N LEU A 80 -1.85 -24.63 -15.96
CA LEU A 80 -1.11 -23.81 -16.88
C LEU A 80 0.17 -23.28 -16.29
N LEU A 81 0.48 -23.63 -15.04
CA LEU A 81 1.66 -23.09 -14.40
C LEU A 81 2.08 -24.00 -13.24
N SER A 82 3.37 -23.99 -12.96
CA SER A 82 3.88 -24.86 -11.90
C SER A 82 3.55 -24.28 -10.54
N GLY A 83 3.49 -25.16 -9.54
CA GLY A 83 3.38 -24.69 -8.16
C GLY A 83 4.35 -23.58 -7.85
N ARG A 84 5.56 -23.65 -8.43
CA ARG A 84 6.59 -22.64 -8.16
C ARG A 84 6.22 -21.30 -8.78
N ASP A 85 5.58 -21.33 -9.95
CA ASP A 85 5.25 -20.08 -10.64
C ASP A 85 4.09 -19.38 -9.93
N TRP A 86 3.09 -20.15 -9.51
CA TRP A 86 2.00 -19.57 -8.74
C TRP A 86 2.48 -19.06 -7.39
N ASN A 87 3.53 -19.66 -6.84
CA ASN A 87 4.02 -19.26 -5.52
C ASN A 87 4.98 -18.08 -5.56
N THR A 88 5.67 -17.85 -6.68
CA THR A 88 6.71 -16.83 -6.72
C THR A 88 6.49 -15.75 -7.79
N LEU A 89 5.58 -15.94 -8.71
CA LEU A 89 5.47 -15.04 -9.84
C LEU A 89 4.12 -14.38 -9.99
N ILE A 90 3.07 -14.95 -9.43
CA ILE A 90 1.74 -14.43 -9.64
C ILE A 90 1.24 -13.77 -8.38
N VAL A 91 0.42 -12.74 -8.58
CA VAL A 91 -0.22 -11.99 -7.52
C VAL A 91 -1.67 -11.78 -7.94
N GLY A 92 -2.60 -12.25 -7.10
CA GLY A 92 -4.00 -12.23 -7.46
C GLY A 92 -4.54 -10.83 -7.52
N LYS A 93 -5.71 -10.72 -8.17
CA LYS A 93 -6.42 -9.47 -8.31
C LYS A 93 -7.91 -9.69 -8.26
N LEU A 94 -8.54 -9.05 -7.31
CA LEU A 94 -9.98 -9.09 -7.18
C LEU A 94 -10.64 -8.37 -8.35
N SER A 95 -11.57 -9.03 -9.00
CA SER A 95 -12.31 -8.50 -10.11
C SER A 95 -12.94 -7.17 -9.72
N PRO A 96 -13.07 -6.24 -10.66
CA PRO A 96 -13.50 -4.89 -10.30
C PRO A 96 -14.99 -4.73 -10.12
N TRP A 97 -15.79 -5.66 -10.60
CA TRP A 97 -17.23 -5.64 -10.38
C TRP A 97 -17.61 -6.17 -9.01
N ILE A 98 -16.68 -6.78 -8.29
CA ILE A 98 -16.95 -7.31 -6.97
C ILE A 98 -17.01 -6.11 -6.03
N ARG A 99 -18.22 -5.71 -5.62
CA ARG A 99 -18.42 -4.55 -4.75
C ARG A 99 -19.30 -4.90 -3.56
N PRO A 100 -18.70 -5.28 -2.43
CA PRO A 100 -19.50 -5.77 -1.29
C PRO A 100 -20.18 -4.68 -0.48
N ASP A 101 -19.80 -3.43 -0.67
CA ASP A 101 -20.49 -2.36 0.03
C ASP A 101 -21.43 -1.58 -0.89
N SER A 102 -21.83 -2.20 -2.00
CA SER A 102 -22.90 -1.67 -2.83
C SER A 102 -24.12 -1.29 -2.02
N LYS A 103 -24.91 -0.38 -2.57
CA LYS A 103 -26.16 0.04 -1.98
C LYS A 103 -27.29 -0.88 -2.37
N VAL A 104 -27.04 -1.75 -3.32
CA VAL A 104 -28.04 -2.70 -3.80
C VAL A 104 -27.82 -3.99 -3.03
N GLU A 105 -28.88 -4.54 -2.49
CA GLU A 105 -28.73 -5.74 -1.68
C GLU A 105 -28.25 -6.90 -2.54
N LYS A 106 -28.90 -7.14 -3.67
CA LYS A 106 -28.52 -8.27 -4.52
C LYS A 106 -27.05 -8.20 -4.88
N ILE A 107 -26.55 -6.99 -5.11
CA ILE A 107 -25.17 -6.84 -5.54
C ILE A 107 -24.23 -7.17 -4.39
N ARG A 108 -24.55 -6.70 -3.19
CA ARG A 108 -23.72 -6.99 -2.04
C ARG A 108 -23.60 -8.48 -1.83
N ARG A 109 -24.74 -9.20 -1.92
CA ARG A 109 -24.75 -10.65 -1.74
C ARG A 109 -23.92 -11.39 -2.80
N ASN A 110 -24.13 -11.07 -4.09
CA ASN A 110 -23.31 -11.71 -5.10
C ASN A 110 -21.83 -11.36 -4.93
N SER A 111 -21.53 -10.11 -4.54
CA SER A 111 -20.14 -9.71 -4.38
C SER A 111 -19.48 -10.41 -3.21
N GLU A 112 -20.26 -10.79 -2.18
CA GLU A 112 -19.68 -11.54 -1.06
C GLU A 112 -19.33 -12.94 -1.50
N ALA A 113 -20.24 -13.56 -2.23
CA ALA A 113 -19.96 -14.87 -2.79
C ALA A 113 -18.77 -14.84 -3.73
N ALA A 114 -18.73 -13.83 -4.60
CA ALA A 114 -17.64 -13.70 -5.56
C ALA A 114 -16.30 -13.42 -4.88
N MET A 115 -16.27 -12.54 -3.86
CA MET A 115 -15.03 -12.33 -3.11
C MET A 115 -14.53 -13.64 -2.52
N LEU A 116 -15.41 -14.35 -1.79
CA LEU A 116 -14.94 -15.60 -1.17
C LEU A 116 -14.41 -16.53 -2.26
N GLN A 117 -15.09 -16.61 -3.39
CA GLN A 117 -14.67 -17.51 -4.45
C GLN A 117 -13.29 -17.15 -4.98
N GLU A 118 -13.05 -15.86 -5.23
CA GLU A 118 -11.77 -15.45 -5.82
C GLU A 118 -10.64 -15.58 -4.80
N LEU A 119 -10.91 -15.31 -3.52
CA LEU A 119 -9.87 -15.37 -2.51
C LEU A 119 -9.52 -16.81 -2.13
N ASN A 120 -10.53 -17.70 -2.18
CA ASN A 120 -10.31 -19.11 -1.94
C ASN A 120 -9.60 -19.76 -3.11
N PHE A 121 -9.90 -19.32 -4.33
CA PHE A 121 -9.10 -19.75 -5.46
C PHE A 121 -7.66 -19.30 -5.31
N GLY A 122 -7.41 -18.10 -4.85
CA GLY A 122 -6.02 -17.70 -4.69
C GLY A 122 -5.33 -18.54 -3.65
N ALA A 123 -6.06 -18.92 -2.62
CA ALA A 123 -5.51 -19.80 -1.60
C ALA A 123 -5.24 -21.19 -2.16
N TYR A 124 -6.17 -21.67 -2.97
CA TYR A 124 -5.99 -22.94 -3.66
C TYR A 124 -4.71 -22.95 -4.48
N LEU A 125 -4.47 -21.86 -5.24
CA LEU A 125 -3.30 -21.79 -6.10
C LEU A 125 -2.02 -21.64 -5.33
N GLY A 126 -2.08 -21.04 -4.14
CA GLY A 126 -0.90 -20.78 -3.35
C GLY A 126 -0.29 -19.42 -3.57
N LEU A 127 -1.10 -18.40 -3.80
CA LEU A 127 -0.55 -17.13 -4.22
C LEU A 127 0.12 -16.42 -3.06
N PRO A 128 1.26 -15.82 -3.28
CA PRO A 128 1.93 -15.13 -2.20
C PRO A 128 1.18 -13.88 -1.78
N ALA A 129 0.48 -13.24 -2.70
CA ALA A 129 -0.25 -12.04 -2.33
C ALA A 129 -1.46 -11.90 -3.20
N PHE A 130 -2.37 -11.07 -2.74
CA PHE A 130 -3.65 -10.92 -3.39
C PHE A 130 -4.13 -9.49 -3.22
N LEU A 131 -4.47 -8.84 -4.33
CA LEU A 131 -4.78 -7.44 -4.32
C LEU A 131 -6.26 -7.14 -4.21
N LEU A 132 -6.57 -6.10 -3.45
CA LEU A 132 -7.96 -5.71 -3.19
C LEU A 132 -7.98 -4.19 -3.06
N PRO A 133 -8.99 -3.52 -3.53
CA PRO A 133 -8.92 -2.09 -3.59
C PRO A 133 -9.69 -1.36 -2.52
N LEU A 134 -9.12 -0.24 -2.06
CA LEU A 134 -9.79 0.71 -1.20
C LEU A 134 -9.95 1.98 -2.02
N ASN A 135 -11.01 2.02 -2.80
CA ASN A 135 -11.25 3.18 -3.65
C ASN A 135 -12.42 4.05 -3.20
N GLN A 136 -13.24 3.58 -2.26
CA GLN A 136 -14.26 4.43 -1.70
C GLN A 136 -14.02 4.56 -0.19
N GLU A 137 -14.95 5.22 0.48
CA GLU A 137 -14.76 5.48 1.89
C GLU A 137 -15.25 4.34 2.76
N ASP A 138 -16.43 3.84 2.48
CA ASP A 138 -16.96 2.70 3.20
C ASP A 138 -16.49 1.37 2.59
N ASN A 139 -15.63 0.66 3.34
CA ASN A 139 -15.21 -0.68 2.95
C ASN A 139 -15.44 -1.68 4.08
N THR A 140 -16.54 -1.51 4.83
CA THR A 140 -16.80 -2.30 6.04
C THR A 140 -17.17 -3.73 5.72
N ASN A 141 -18.13 -3.93 4.81
CA ASN A 141 -18.52 -5.29 4.49
C ASN A 141 -17.38 -6.00 3.77
N LEU A 142 -16.60 -5.25 3.00
CA LEU A 142 -15.41 -5.82 2.36
C LEU A 142 -14.42 -6.33 3.41
N ALA A 143 -14.16 -5.51 4.42
CA ALA A 143 -13.27 -5.89 5.50
C ALA A 143 -13.76 -7.15 6.18
N ARG A 144 -15.06 -7.22 6.47
CA ARG A 144 -15.57 -8.37 7.20
C ARG A 144 -15.35 -9.65 6.43
N VAL A 145 -15.74 -9.66 5.17
CA VAL A 145 -15.52 -10.85 4.37
C VAL A 145 -14.04 -11.23 4.38
N LEU A 146 -13.15 -10.26 4.27
CA LEU A 146 -11.74 -10.61 4.32
C LEU A 146 -11.38 -11.21 5.66
N THR A 147 -11.90 -10.63 6.74
CA THR A 147 -11.59 -11.11 8.06
C THR A 147 -12.03 -12.55 8.19
N ASN A 148 -13.22 -12.85 7.67
CA ASN A 148 -13.72 -14.23 7.73
C ASN A 148 -12.84 -15.17 6.94
N HIS A 149 -12.42 -14.77 5.74
CA HIS A 149 -11.59 -15.65 4.94
C HIS A 149 -10.23 -15.88 5.59
N ILE A 150 -9.66 -14.84 6.16
CA ILE A 150 -8.45 -14.99 6.98
C ILE A 150 -8.67 -16.06 8.03
N HIS A 151 -9.74 -15.95 8.80
CA HIS A 151 -9.93 -16.88 9.90
C HIS A 151 -10.50 -18.21 9.48
N THR A 152 -10.84 -18.42 8.21
CA THR A 152 -11.39 -19.69 7.73
C THR A 152 -10.39 -20.38 6.83
N GLY A 153 -9.88 -21.52 7.27
CA GLY A 153 -8.83 -22.22 6.57
C GLY A 153 -7.47 -21.75 7.05
N HIS A 154 -6.48 -22.62 6.87
CA HIS A 154 -5.13 -22.39 7.36
C HIS A 154 -4.26 -22.03 6.15
N HIS A 155 -3.90 -20.74 6.07
CA HIS A 155 -3.01 -20.24 5.02
C HIS A 155 -2.30 -18.99 5.54
N SER A 156 -1.30 -18.54 4.76
CA SER A 156 -0.51 -17.36 5.09
C SER A 156 -0.42 -16.37 3.93
N SER A 157 -1.16 -16.61 2.84
CA SER A 157 -1.38 -15.64 1.78
C SER A 157 -1.48 -14.24 2.34
N MET A 158 -0.81 -13.30 1.69
CA MET A 158 -0.88 -11.91 2.08
C MET A 158 -1.89 -11.15 1.24
N PHE A 159 -2.32 -10.02 1.78
CA PHE A 159 -3.33 -9.21 1.12
C PHE A 159 -2.86 -7.77 1.01
N TRP A 160 -2.74 -7.29 -0.21
CA TRP A 160 -2.24 -5.97 -0.53
C TRP A 160 -3.43 -5.08 -0.83
N MET A 161 -3.69 -4.12 0.05
CA MET A 161 -4.81 -3.19 -0.14
C MET A 161 -4.35 -2.02 -1.03
N ARG A 162 -4.98 -1.90 -2.18
CA ARG A 162 -4.65 -0.88 -3.17
C ARG A 162 -5.40 0.39 -2.79
N VAL A 163 -4.68 1.33 -2.22
CA VAL A 163 -5.26 2.58 -1.74
C VAL A 163 -4.49 3.71 -2.39
N PRO A 164 -5.16 4.71 -2.94
CA PRO A 164 -4.46 5.75 -3.69
C PRO A 164 -3.92 6.84 -2.79
N LEU A 165 -2.84 7.48 -3.26
CA LEU A 165 -2.21 8.52 -2.45
C LEU A 165 -3.07 9.76 -2.41
N VAL A 166 -3.79 10.05 -3.52
CA VAL A 166 -4.86 11.04 -3.56
C VAL A 166 -6.08 10.40 -4.20
N ALA A 167 -7.25 10.69 -3.67
CA ALA A 167 -8.46 10.00 -4.09
C ALA A 167 -8.83 10.41 -5.51
N PRO A 168 -9.43 9.50 -6.29
CA PRO A 168 -9.88 9.88 -7.63
C PRO A 168 -10.56 11.23 -7.71
N GLU A 169 -11.57 11.41 -6.84
CA GLU A 169 -12.37 12.62 -6.77
C GLU A 169 -11.54 13.87 -6.50
N ASP A 170 -10.53 13.74 -5.67
CA ASP A 170 -9.67 14.86 -5.33
C ASP A 170 -8.59 15.08 -6.38
N LEU A 171 -8.58 14.28 -7.43
CA LEU A 171 -7.60 14.35 -8.50
C LEU A 171 -8.24 14.69 -9.84
N ARG A 172 -9.55 14.73 -9.92
CA ARG A 172 -10.19 14.88 -11.20
C ARG A 172 -9.86 16.23 -11.79
N ASP A 173 -10.13 16.34 -13.09
CA ASP A 173 -9.96 17.59 -13.82
C ASP A 173 -11.13 18.50 -13.54
N ASP A 174 -10.82 19.79 -13.34
CA ASP A 174 -11.87 20.77 -13.06
C ASP A 174 -12.47 21.15 -14.42
N ILE A 175 -13.32 20.26 -14.91
CA ILE A 175 -13.99 20.46 -16.18
C ILE A 175 -15.49 20.25 -16.08
N ILE A 176 -16.01 20.02 -14.89
CA ILE A 176 -17.44 19.93 -14.66
C ILE A 176 -17.93 21.34 -14.28
N GLU A 177 -18.61 21.98 -15.24
CA GLU A 177 -18.94 23.40 -15.14
C GLU A 177 -19.79 23.67 -13.91
N ASN A 178 -20.74 22.78 -13.62
CA ASN A 178 -21.72 23.01 -12.55
C ASN A 178 -21.39 22.26 -11.28
N ALA A 179 -20.19 21.71 -11.16
CA ALA A 179 -19.73 21.06 -9.93
C ALA A 179 -18.22 21.18 -9.92
N PRO A 180 -17.69 22.30 -9.44
CA PRO A 180 -16.26 22.58 -9.54
C PRO A 180 -15.49 21.90 -8.42
N THR A 181 -14.18 22.02 -8.50
CA THR A 181 -13.31 21.38 -7.54
C THR A 181 -13.03 22.34 -6.40
N THR A 182 -13.06 21.83 -5.18
CA THR A 182 -12.82 22.66 -4.00
C THR A 182 -11.36 23.13 -4.04
N HIS A 183 -11.16 24.43 -4.33
CA HIS A 183 -9.83 25.04 -4.37
C HIS A 183 -9.37 25.48 -2.99
N THR A 184 -10.26 25.46 -2.00
CA THR A 184 -9.87 25.71 -0.63
C THR A 184 -9.08 24.52 -0.11
N GLU A 185 -7.89 24.80 0.44
CA GLU A 185 -7.12 23.76 1.10
C GLU A 185 -7.91 23.19 2.26
N GLU A 186 -7.99 21.87 2.31
CA GLU A 186 -8.57 21.12 3.43
C GLU A 186 -7.46 20.22 3.98
N TYR A 187 -7.06 20.48 5.23
CA TYR A 187 -6.00 19.70 5.85
C TYR A 187 -6.38 18.24 6.00
N SER A 188 -7.45 17.98 6.73
CA SER A 188 -7.95 16.64 7.00
C SER A 188 -8.78 16.06 5.86
N GLY A 189 -9.20 16.86 4.89
CA GLY A 189 -9.83 16.30 3.71
C GLY A 189 -8.84 15.68 2.74
N GLU A 190 -7.57 16.16 2.75
CA GLU A 190 -6.49 15.61 1.95
C GLU A 190 -5.89 14.34 2.56
N GLU A 191 -6.23 14.04 3.81
CA GLU A 191 -5.83 12.81 4.47
C GLU A 191 -6.95 11.78 4.42
N LYS A 192 -7.85 11.91 3.44
CA LYS A 192 -9.00 11.03 3.30
C LYS A 192 -8.59 9.57 3.11
N THR A 193 -7.62 9.32 2.22
CA THR A 193 -7.30 7.93 1.89
C THR A 193 -6.67 7.19 3.06
N TRP A 194 -5.89 7.91 3.87
CA TRP A 194 -5.31 7.26 5.01
C TRP A 194 -6.40 6.73 5.91
N MET A 195 -7.46 7.50 6.11
CA MET A 195 -8.52 7.03 6.99
C MET A 195 -9.32 5.88 6.39
N TRP A 196 -9.42 5.82 5.07
CA TRP A 196 -9.97 4.61 4.47
C TRP A 196 -9.20 3.39 4.92
N TRP A 197 -7.86 3.50 4.90
CA TRP A 197 -7.01 2.36 5.27
C TRP A 197 -6.98 2.13 6.78
N HIS A 198 -6.94 3.20 7.57
CA HIS A 198 -6.94 3.07 9.03
C HIS A 198 -8.23 2.43 9.51
N ASN A 199 -9.33 2.78 8.89
CA ASN A 199 -10.59 2.13 9.21
C ASN A 199 -10.56 0.67 8.79
N PHE A 200 -10.21 0.39 7.55
CA PHE A 200 -10.21 -0.99 7.11
C PHE A 200 -9.33 -1.85 7.99
N ARG A 201 -8.15 -1.36 8.32
CA ARG A 201 -7.23 -2.12 9.14
C ARG A 201 -7.75 -2.27 10.56
N THR A 202 -8.37 -1.23 11.12
CA THR A 202 -8.87 -1.32 12.49
C THR A 202 -10.02 -2.31 12.57
N LEU A 203 -10.85 -2.35 11.53
CA LEU A 203 -11.95 -3.32 11.49
C LEU A 203 -11.44 -4.76 11.45
N CYS A 204 -10.31 -5.01 10.79
CA CYS A 204 -9.73 -6.33 10.72
C CYS A 204 -8.75 -6.61 11.87
N ASP A 205 -8.74 -5.77 12.91
CA ASP A 205 -8.02 -6.01 14.17
C ASP A 205 -6.52 -6.20 13.92
N TYR A 206 -5.97 -5.35 13.07
CA TYR A 206 -4.55 -5.30 12.75
C TYR A 206 -3.97 -6.69 12.44
N SER A 207 -4.44 -7.27 11.32
CA SER A 207 -3.89 -8.54 10.86
C SER A 207 -2.54 -8.35 10.22
N LYS A 208 -1.58 -9.15 10.65
CA LYS A 208 -0.28 -9.14 10.02
C LYS A 208 -0.35 -9.51 8.55
N ARG A 209 -1.43 -10.10 8.14
CA ARG A 209 -1.57 -10.55 6.78
C ARG A 209 -2.05 -9.46 5.84
N ILE A 210 -2.41 -8.30 6.39
CA ILE A 210 -2.97 -7.20 5.64
C ILE A 210 -1.98 -6.06 5.62
N ALA A 211 -1.66 -5.62 4.41
CA ALA A 211 -0.58 -4.70 4.10
C ALA A 211 -1.14 -3.70 3.13
N VAL A 212 -0.36 -2.69 2.79
CA VAL A 212 -0.86 -1.61 1.94
C VAL A 212 -0.02 -1.50 0.67
N ALA A 213 -0.71 -1.42 -0.45
CA ALA A 213 -0.13 -1.22 -1.77
C ALA A 213 -0.48 0.20 -2.18
N LEU A 214 0.47 1.09 -2.01
CA LEU A 214 0.19 2.50 -2.07
C LEU A 214 0.31 2.95 -3.53
N GLU A 215 -0.80 3.44 -4.08
CA GLU A 215 -0.87 3.95 -5.44
C GLU A 215 -0.47 5.41 -5.46
N ILE A 216 0.34 5.77 -6.44
CA ILE A 216 0.92 7.09 -6.53
C ILE A 216 0.37 7.81 -7.73
N GLY A 217 -0.25 8.96 -7.47
CA GLY A 217 -0.90 9.71 -8.51
C GLY A 217 0.02 10.69 -9.25
N ALA A 218 -0.62 11.38 -10.19
CA ALA A 218 0.07 12.33 -11.05
C ALA A 218 0.67 13.48 -10.26
N ASP A 219 -0.15 14.17 -9.47
CA ASP A 219 0.27 15.31 -8.68
C ASP A 219 0.30 14.88 -7.23
N LEU A 220 1.48 14.96 -6.61
CA LEU A 220 1.62 14.56 -5.21
C LEU A 220 0.90 15.54 -4.28
N PRO A 221 0.51 15.06 -3.11
CA PRO A 221 -0.20 15.87 -2.14
C PRO A 221 0.77 16.50 -1.16
N SER A 222 0.24 17.40 -0.33
CA SER A 222 1.09 18.14 0.60
C SER A 222 1.89 17.18 1.46
N ASN A 223 3.13 17.57 1.75
CA ASN A 223 4.07 16.70 2.43
C ASN A 223 3.48 16.00 3.65
N HIS A 224 2.50 16.60 4.31
CA HIS A 224 2.03 15.96 5.55
C HIS A 224 1.37 14.61 5.23
N VAL A 225 0.60 14.56 4.14
CA VAL A 225 -0.02 13.32 3.69
C VAL A 225 1.04 12.25 3.49
N ILE A 226 2.14 12.59 2.81
CA ILE A 226 3.20 11.61 2.58
C ILE A 226 3.83 11.17 3.89
N ASP A 227 3.84 12.05 4.88
CA ASP A 227 4.53 11.73 6.12
C ASP A 227 3.74 10.76 6.99
N ARG A 228 2.40 10.80 6.84
CA ARG A 228 1.53 9.95 7.64
C ARG A 228 1.35 8.56 7.06
N TRP A 229 2.26 8.12 6.19
CA TRP A 229 2.15 6.81 5.58
C TRP A 229 3.29 5.89 5.89
N LEU A 230 4.46 6.39 6.19
CA LEU A 230 5.57 5.48 6.30
C LEU A 230 5.72 4.96 7.73
N GLY A 231 4.72 5.20 8.58
CA GLY A 231 4.55 4.36 9.75
C GLY A 231 3.75 3.12 9.47
N GLU A 232 3.20 3.02 8.30
CA GLU A 232 2.28 1.95 7.97
C GLU A 232 2.99 0.80 7.26
N PRO A 233 2.41 -0.38 7.28
CA PRO A 233 3.00 -1.55 6.59
C PRO A 233 2.93 -1.59 5.08
N ILE A 234 3.74 -0.77 4.43
CA ILE A 234 3.79 -0.75 2.97
C ILE A 234 4.63 -1.92 2.45
N LYS A 235 4.03 -2.76 1.63
CA LYS A 235 4.74 -3.87 1.03
C LYS A 235 4.91 -3.70 -0.47
N ALA A 236 4.09 -2.85 -1.09
CA ALA A 236 4.20 -2.54 -2.50
C ALA A 236 3.91 -1.08 -2.72
N ALA A 237 4.50 -0.54 -3.77
CA ALA A 237 4.21 0.80 -4.24
C ALA A 237 3.91 0.80 -5.73
N ILE A 238 2.83 1.43 -6.12
CA ILE A 238 2.30 1.30 -7.47
C ILE A 238 2.52 2.59 -8.23
N LEU A 239 3.23 2.49 -9.37
CA LEU A 239 3.54 3.61 -10.26
C LEU A 239 2.88 3.40 -11.61
N PRO A 240 1.99 4.27 -12.05
CA PRO A 240 1.46 4.14 -13.41
C PRO A 240 2.37 4.85 -14.40
N THR A 241 2.25 4.40 -15.65
CA THR A 241 3.04 4.99 -16.73
C THR A 241 2.67 6.44 -16.98
N SER A 242 1.43 6.81 -16.65
CA SER A 242 0.97 8.16 -16.89
C SER A 242 1.67 9.20 -16.02
N ILE A 243 2.29 8.81 -14.91
CA ILE A 243 2.97 9.85 -14.13
C ILE A 243 4.37 10.12 -14.65
N PHE A 244 4.89 9.29 -15.54
CA PHE A 244 6.27 9.44 -15.94
C PHE A 244 6.40 10.57 -16.95
N LEU A 245 7.24 11.54 -16.64
CA LEU A 245 7.57 12.59 -17.58
C LEU A 245 8.53 12.04 -18.61
N THR A 246 8.53 12.65 -19.78
CA THR A 246 9.52 12.35 -20.81
C THR A 246 10.68 13.33 -20.76
N ASN A 247 11.89 12.84 -21.00
CA ASN A 247 13.04 13.70 -20.86
C ASN A 247 13.52 14.08 -22.25
N LYS A 248 14.74 14.64 -22.28
CA LYS A 248 15.32 15.10 -23.53
C LYS A 248 15.31 13.98 -24.58
N LYS A 249 15.91 12.83 -24.26
CA LYS A 249 16.08 11.76 -25.24
C LYS A 249 14.74 11.21 -25.73
N GLY A 250 13.95 10.66 -24.82
CA GLY A 250 12.69 10.06 -25.20
C GLY A 250 12.29 8.97 -24.23
N PHE A 251 13.02 8.90 -23.11
CA PHE A 251 12.90 7.92 -22.05
C PHE A 251 11.97 8.44 -20.94
N PRO A 252 11.33 7.54 -20.21
CA PRO A 252 10.44 7.98 -19.13
C PRO A 252 11.24 8.25 -17.87
N VAL A 253 10.91 9.37 -17.23
CA VAL A 253 11.59 9.79 -16.01
C VAL A 253 10.58 10.35 -15.02
N LEU A 254 11.06 10.88 -13.90
CA LEU A 254 10.23 11.34 -12.80
C LEU A 254 10.75 12.64 -12.24
N SER A 255 9.84 13.52 -11.85
CA SER A 255 10.22 14.78 -11.22
C SER A 255 11.06 14.55 -9.97
N LYS A 256 11.49 15.63 -9.32
CA LYS A 256 12.41 15.51 -8.19
C LYS A 256 11.68 15.17 -6.89
N MET A 257 10.47 15.72 -6.71
CA MET A 257 9.65 15.36 -5.54
C MET A 257 9.17 13.91 -5.63
N HIS A 258 8.80 13.45 -6.83
CA HIS A 258 8.45 12.04 -7.02
C HIS A 258 9.65 11.15 -6.72
N GLN A 259 10.82 11.55 -7.22
CA GLN A 259 12.05 10.78 -6.94
C GLN A 259 12.37 10.72 -5.45
N ARG A 260 12.13 11.83 -4.75
CA ARG A 260 12.36 11.84 -3.30
C ARG A 260 11.45 10.83 -2.61
N LEU A 261 10.18 10.81 -2.99
CA LEU A 261 9.26 9.79 -2.45
C LEU A 261 9.74 8.38 -2.75
N ILE A 262 10.27 8.17 -3.95
CA ILE A 262 10.84 6.87 -4.29
C ILE A 262 11.97 6.54 -3.32
N PHE A 263 12.98 7.41 -3.22
CA PHE A 263 14.09 7.18 -2.29
C PHE A 263 13.59 6.77 -0.91
N ARG A 264 12.56 7.47 -0.40
CA ARG A 264 11.94 7.05 0.86
C ARG A 264 11.49 5.60 0.83
N LEU A 265 10.78 5.21 -0.22
CA LEU A 265 10.22 3.87 -0.25
C LEU A 265 11.29 2.79 -0.36
N LEU A 266 12.37 3.05 -1.10
CA LEU A 266 13.40 2.02 -1.22
C LEU A 266 14.11 1.86 0.08
N LYS A 267 14.18 2.94 0.86
CA LYS A 267 14.71 2.85 2.23
C LYS A 267 13.80 1.99 3.09
N LEU A 268 12.50 2.26 3.06
CA LEU A 268 11.51 1.37 3.65
C LEU A 268 11.35 0.06 2.92
N GLU A 269 12.06 -0.15 1.82
CA GLU A 269 12.19 -1.48 1.25
C GLU A 269 10.84 -2.09 0.87
N VAL A 270 10.43 -1.84 -0.37
CA VAL A 270 9.13 -2.31 -0.87
C VAL A 270 9.27 -2.81 -2.29
N GLN A 271 8.18 -3.39 -2.79
CA GLN A 271 8.18 -3.94 -4.13
C GLN A 271 7.40 -3.01 -5.02
N PHE A 272 8.06 -2.53 -6.06
CA PHE A 272 7.46 -1.56 -6.95
C PHE A 272 6.70 -2.29 -8.02
N ILE A 273 5.63 -1.67 -8.48
CA ILE A 273 4.75 -2.29 -9.45
C ILE A 273 4.37 -1.26 -10.50
N ILE A 274 4.52 -1.61 -11.77
CA ILE A 274 4.22 -0.72 -12.87
C ILE A 274 2.94 -1.15 -13.53
N THR A 275 2.04 -0.18 -13.71
CA THR A 275 0.72 -0.40 -14.30
C THR A 275 0.54 0.58 -15.46
N GLY A 276 -0.47 0.31 -16.28
CA GLY A 276 -0.79 1.15 -17.41
C GLY A 276 -0.11 0.71 -18.69
N THR A 277 -0.59 1.25 -19.81
CA THR A 277 -0.05 0.91 -21.12
C THR A 277 1.23 1.71 -21.38
N ASN A 278 1.97 1.28 -22.40
CA ASN A 278 3.16 1.99 -22.80
C ASN A 278 2.76 3.31 -23.45
N HIS A 279 3.13 4.41 -22.80
CA HIS A 279 2.85 5.75 -23.29
C HIS A 279 4.03 6.35 -24.04
N HIS A 280 5.23 5.82 -23.84
CA HIS A 280 6.42 6.19 -24.60
C HIS A 280 6.61 5.11 -25.66
N SER A 281 5.92 5.26 -26.79
CA SER A 281 5.96 4.25 -27.83
C SER A 281 7.26 4.26 -28.63
N GLU A 282 8.17 5.21 -28.38
CA GLU A 282 9.45 5.24 -29.07
C GLU A 282 10.45 4.26 -28.48
N LYS A 283 10.32 3.97 -27.18
CA LYS A 283 11.21 3.05 -26.47
C LYS A 283 10.34 1.94 -25.89
N GLU A 284 10.93 0.76 -25.71
CA GLU A 284 10.14 -0.38 -25.25
C GLU A 284 9.67 -0.16 -23.82
N PHE A 285 9.31 -1.23 -23.13
CA PHE A 285 8.67 -1.10 -21.83
C PHE A 285 9.62 -1.26 -20.66
N CYS A 286 10.65 -2.09 -20.83
CA CYS A 286 11.69 -2.21 -19.82
C CYS A 286 12.35 -0.87 -19.48
N SER A 287 12.07 0.21 -20.21
CA SER A 287 12.71 1.48 -19.88
C SER A 287 12.22 2.03 -18.55
N TYR A 288 10.93 1.89 -18.25
CA TYR A 288 10.44 2.29 -16.93
C TYR A 288 11.20 1.54 -15.84
N LEU A 289 11.30 0.21 -16.00
CA LEU A 289 12.03 -0.62 -15.05
C LEU A 289 13.47 -0.14 -14.90
N GLN A 290 14.12 0.15 -16.03
CA GLN A 290 15.51 0.59 -15.97
C GLN A 290 15.63 1.91 -15.23
N TYR A 291 14.63 2.77 -15.35
CA TYR A 291 14.65 4.01 -14.58
C TYR A 291 14.64 3.70 -13.10
N LEU A 292 13.84 2.71 -12.71
CA LEU A 292 13.81 2.33 -11.31
C LEU A 292 15.16 1.81 -10.85
N GLU A 293 15.71 0.82 -11.57
CA GLU A 293 17.05 0.32 -11.27
C GLU A 293 18.04 1.47 -11.12
N TYR A 294 18.01 2.42 -12.07
CA TYR A 294 18.86 3.61 -12.05
C TYR A 294 18.81 4.30 -10.69
N LEU A 295 17.61 4.68 -10.26
CA LEU A 295 17.53 5.39 -8.99
C LEU A 295 18.05 4.52 -7.84
N SER A 296 17.69 3.23 -7.86
CA SER A 296 18.17 2.34 -6.81
C SER A 296 19.68 2.44 -6.66
N GLN A 297 20.40 2.32 -7.78
CA GLN A 297 21.86 2.38 -7.70
C GLN A 297 22.31 3.77 -7.30
N ASN A 298 21.66 4.79 -7.85
CA ASN A 298 21.97 6.18 -7.58
C ASN A 298 21.14 6.69 -6.39
N ARG A 299 21.38 6.11 -5.22
CA ARG A 299 20.70 6.58 -4.04
C ARG A 299 21.73 7.10 -3.05
N PRO A 300 21.31 7.87 -2.05
CA PRO A 300 22.26 8.29 -0.99
C PRO A 300 22.96 7.10 -0.37
N PRO A 301 24.29 7.06 -0.36
CA PRO A 301 25.00 5.81 0.02
C PRO A 301 24.78 5.47 1.49
N PRO A 302 24.90 4.19 1.87
CA PRO A 302 24.66 3.81 3.26
C PRO A 302 25.90 4.03 4.12
N ASN A 303 25.70 4.64 5.30
CA ASN A 303 26.79 4.95 6.19
C ASN A 303 27.10 3.73 7.08
N ALA A 304 27.88 3.94 8.14
CA ALA A 304 28.29 2.80 8.97
C ALA A 304 27.13 2.27 9.81
N TYR A 305 26.32 3.17 10.37
CA TYR A 305 25.10 2.74 11.05
C TYR A 305 24.14 2.02 10.10
N GLU A 306 23.90 2.59 8.91
CA GLU A 306 22.95 1.99 7.97
C GLU A 306 23.45 0.66 7.39
N LEU A 307 24.76 0.53 7.20
CA LEU A 307 25.31 -0.73 6.71
C LEU A 307 25.28 -1.79 7.80
N PHE A 308 25.64 -1.42 9.03
CA PHE A 308 25.76 -2.38 10.13
C PHE A 308 24.40 -2.81 10.68
N ALA A 309 23.49 -1.86 10.93
CA ALA A 309 22.19 -2.14 11.51
C ALA A 309 21.28 -2.88 10.56
N LYS A 310 21.65 -2.93 9.29
CA LYS A 310 20.80 -3.49 8.27
C LYS A 310 20.60 -4.95 8.57
N GLY A 311 19.35 -5.38 8.55
CA GLY A 311 18.99 -6.71 8.95
C GLY A 311 18.37 -6.78 10.32
N TYR A 312 18.61 -5.78 11.16
CA TYR A 312 18.02 -5.71 12.48
C TYR A 312 16.79 -4.83 12.51
N GLU A 313 16.31 -4.41 11.34
CA GLU A 313 15.28 -3.38 11.28
C GLU A 313 14.00 -3.88 11.92
N ASP A 314 13.45 -3.06 12.83
CA ASP A 314 12.19 -3.34 13.52
C ASP A 314 12.17 -4.71 14.21
N TYR A 315 13.34 -5.18 14.64
CA TYR A 315 13.44 -6.45 15.37
C TYR A 315 13.41 -6.16 16.85
N LEU A 316 12.50 -6.82 17.55
CA LEU A 316 12.27 -6.57 18.97
C LEU A 316 13.09 -7.55 19.78
N GLN A 317 13.93 -7.00 20.66
CA GLN A 317 14.65 -7.77 21.65
C GLN A 317 14.17 -7.34 23.02
N SER A 318 13.92 -8.30 23.90
CA SER A 318 13.93 -8.00 25.32
C SER A 318 15.24 -7.30 25.66
N PRO A 319 15.24 -6.31 26.54
CA PRO A 319 16.47 -5.56 26.83
C PRO A 319 17.41 -6.29 27.77
N LEU A 320 18.71 -6.06 27.58
CA LEU A 320 19.75 -6.76 28.34
C LEU A 320 19.75 -6.36 29.82
N GLN A 321 19.83 -7.37 30.72
CA GLN A 321 19.81 -7.19 32.18
C GLN A 321 21.13 -7.73 32.75
N PRO A 322 22.22 -7.01 32.60
CA PRO A 322 23.56 -7.56 32.89
C PRO A 322 23.90 -7.65 34.37
N LEU A 323 22.96 -7.39 35.23
CA LEU A 323 23.18 -7.58 36.67
C LEU A 323 22.83 -9.02 37.04
N MET A 324 21.55 -9.35 36.95
CA MET A 324 21.03 -10.62 37.39
C MET A 324 21.46 -11.76 36.49
N ASP A 325 21.84 -11.45 35.26
CA ASP A 325 22.24 -12.40 34.25
C ASP A 325 23.64 -12.03 33.76
N ASN A 326 24.41 -13.01 33.34
CA ASN A 326 25.77 -12.78 32.87
C ASN A 326 25.86 -12.88 31.36
N LEU A 327 26.57 -11.93 30.74
CA LEU A 327 26.61 -11.88 29.28
C LEU A 327 27.50 -12.97 28.70
N GLU A 328 27.07 -13.52 27.58
CA GLU A 328 27.82 -14.50 26.81
C GLU A 328 29.06 -13.87 26.19
N SER A 329 29.93 -14.72 25.65
CA SER A 329 31.23 -14.24 25.19
C SER A 329 31.09 -13.46 23.90
N GLN A 330 30.19 -13.89 23.02
CA GLN A 330 30.05 -13.23 21.73
C GLN A 330 29.37 -11.87 21.86
N THR A 331 28.49 -11.70 22.86
CA THR A 331 27.92 -10.39 23.13
C THR A 331 29.01 -9.36 23.39
N TYR A 332 29.83 -9.63 24.41
CA TYR A 332 31.02 -8.83 24.65
C TYR A 332 31.76 -8.58 23.34
N GLU A 333 31.98 -9.64 22.55
CA GLU A 333 32.83 -9.50 21.36
C GLU A 333 32.26 -8.50 20.36
N VAL A 334 30.93 -8.48 20.18
CA VAL A 334 30.34 -7.59 19.17
C VAL A 334 30.37 -6.15 19.64
N PHE A 335 30.09 -5.92 20.92
CA PHE A 335 30.03 -4.54 21.39
C PHE A 335 31.41 -4.03 21.74
N GLU A 336 32.40 -4.90 21.73
CA GLU A 336 33.78 -4.48 21.86
C GLU A 336 34.35 -3.95 20.54
N LYS A 337 33.74 -4.31 19.42
CA LYS A 337 34.23 -3.94 18.11
C LYS A 337 33.71 -2.60 17.65
N ASP A 338 33.34 -1.75 18.57
CA ASP A 338 32.87 -0.43 18.22
C ASP A 338 33.93 0.59 18.57
N PRO A 339 34.56 1.19 17.58
CA PRO A 339 35.76 1.98 17.82
C PRO A 339 35.51 3.35 18.43
N ILE A 340 34.47 4.04 17.89
CA ILE A 340 34.18 5.41 18.32
C ILE A 340 33.86 5.46 19.83
N LYS A 341 33.17 4.45 20.35
CA LYS A 341 32.88 4.44 21.79
C LYS A 341 34.16 4.37 22.61
N TYR A 342 34.97 3.34 22.37
CA TYR A 342 36.12 3.16 23.23
C TYR A 342 37.15 4.27 23.04
N SER A 343 37.22 4.88 21.86
CA SER A 343 38.15 6.01 21.72
C SER A 343 37.62 7.28 22.39
N GLN A 344 36.31 7.49 22.37
CA GLN A 344 35.71 8.53 23.20
C GLN A 344 36.07 8.33 24.66
N TYR A 345 36.01 7.08 25.14
CA TYR A 345 36.38 6.79 26.53
C TYR A 345 37.87 7.07 26.78
N GLN A 346 38.72 6.68 25.83
CA GLN A 346 40.15 6.94 25.91
C GLN A 346 40.40 8.43 26.12
N GLN A 347 39.77 9.25 25.29
CA GLN A 347 39.99 10.69 25.36
C GLN A 347 39.44 11.31 26.64
N ALA A 348 38.30 10.80 27.15
CA ALA A 348 37.82 11.28 28.44
C ALA A 348 38.83 11.01 29.53
N ILE A 349 39.43 9.83 29.49
CA ILE A 349 40.44 9.48 30.47
C ILE A 349 41.67 10.37 30.33
N TYR A 350 42.04 10.64 29.08
CA TYR A 350 43.21 11.47 28.79
C TYR A 350 43.05 12.88 29.35
N LYS A 351 41.93 13.54 29.03
CA LYS A 351 41.64 14.87 29.54
C LYS A 351 41.53 14.90 31.07
N CYS A 352 40.98 13.85 31.66
CA CYS A 352 40.87 13.82 33.11
C CYS A 352 42.25 13.65 33.78
N LEU A 353 43.10 12.80 33.20
CA LEU A 353 44.45 12.61 33.72
C LEU A 353 45.26 13.90 33.69
N LEU A 354 45.19 14.62 32.58
CA LEU A 354 45.90 15.90 32.50
C LEU A 354 45.39 16.88 33.55
N ASP A 355 44.07 17.06 33.62
CA ASP A 355 43.57 18.04 34.60
C ASP A 355 43.70 17.58 36.04
N ARG A 356 44.19 16.35 36.31
CA ARG A 356 44.29 15.88 37.70
C ARG A 356 45.71 15.87 38.26
N VAL A 357 46.73 15.81 37.42
CA VAL A 357 48.14 15.89 37.86
C VAL A 357 48.93 16.76 36.90
N PRO A 358 49.60 17.80 37.39
CA PRO A 358 50.34 18.70 36.49
C PRO A 358 51.60 18.05 35.93
N GLU A 359 52.23 18.74 35.00
CA GLU A 359 53.44 18.23 34.36
C GLU A 359 54.57 17.92 35.36
N GLU A 360 54.61 18.60 36.50
CA GLU A 360 55.68 18.41 37.46
C GLU A 360 55.41 17.29 38.45
N GLU A 361 54.21 16.72 38.43
CA GLU A 361 53.96 15.51 39.19
C GLU A 361 53.87 14.27 38.32
N LYS A 362 54.17 14.39 37.02
CA LYS A 362 53.91 13.28 36.10
C LYS A 362 54.66 11.99 36.45
N ASP A 363 55.62 12.03 37.38
CA ASP A 363 56.35 10.83 37.79
C ASP A 363 56.26 10.53 39.28
N THR A 364 55.88 11.51 40.09
CA THR A 364 55.67 11.28 41.52
C THR A 364 54.26 10.77 41.84
N ASN A 365 53.25 11.02 41.00
CA ASN A 365 51.85 10.83 41.36
C ASN A 365 51.23 9.75 40.50
N VAL A 366 50.85 8.65 41.14
CA VAL A 366 50.15 7.52 40.54
C VAL A 366 48.66 7.63 40.82
N GLN A 367 47.87 7.67 39.77
CA GLN A 367 46.42 7.81 39.88
C GLN A 367 45.74 6.46 40.06
N VAL A 368 44.86 6.35 41.03
CA VAL A 368 44.12 5.11 41.24
C VAL A 368 42.91 5.12 40.32
N LEU A 369 42.88 4.14 39.41
CA LEU A 369 41.79 3.94 38.46
C LEU A 369 41.06 2.63 38.70
N MET A 370 39.75 2.69 38.81
CA MET A 370 38.93 1.52 39.05
C MET A 370 37.93 1.38 37.91
N VAL A 371 38.09 0.36 37.08
CA VAL A 371 37.08 0.08 36.07
C VAL A 371 35.97 -0.73 36.75
N LEU A 372 34.84 -0.10 36.98
CA LEU A 372 33.69 -0.74 37.59
C LEU A 372 32.82 -1.34 36.49
N GLY A 373 33.02 -2.63 36.23
CA GLY A 373 32.25 -3.29 35.19
C GLY A 373 33.09 -3.43 33.95
N ALA A 374 34.13 -4.23 34.10
CA ALA A 374 35.26 -4.24 33.21
C ALA A 374 35.13 -5.18 32.02
N GLY A 375 34.34 -6.21 32.10
CA GLY A 375 34.10 -7.04 30.92
C GLY A 375 35.27 -7.94 30.59
N ARG A 376 35.76 -7.86 29.36
CA ARG A 376 36.93 -8.60 28.93
C ARG A 376 38.20 -7.75 28.82
N GLY A 377 38.09 -6.45 29.06
CA GLY A 377 39.23 -5.57 29.16
C GLY A 377 39.41 -4.54 28.05
N PRO A 378 38.33 -4.01 27.49
CA PRO A 378 38.52 -2.96 26.48
C PRO A 378 38.67 -1.61 27.14
N LEU A 379 37.98 -1.41 28.27
CA LEU A 379 38.20 -0.21 29.05
C LEU A 379 39.54 -0.24 29.76
N VAL A 380 40.04 -1.42 30.13
CA VAL A 380 41.36 -1.48 30.73
C VAL A 380 42.41 -1.07 29.72
N ASN A 381 42.32 -1.61 28.50
CA ASN A 381 43.29 -1.23 27.48
C ASN A 381 43.17 0.24 27.13
N ALA A 382 41.96 0.76 27.01
CA ALA A 382 41.83 2.18 26.68
C ALA A 382 42.32 3.06 27.82
N SER A 383 42.31 2.55 29.06
CA SER A 383 42.93 3.26 30.16
C SER A 383 44.45 3.26 30.04
N LEU A 384 45.02 2.13 29.64
CA LEU A 384 46.47 2.08 29.41
C LEU A 384 46.87 3.04 28.29
N ARG A 385 46.09 3.05 27.20
CA ARG A 385 46.41 3.91 26.07
C ARG A 385 46.28 5.38 26.45
N ALA A 386 45.25 5.74 27.23
CA ALA A 386 45.09 7.12 27.67
C ALA A 386 46.19 7.55 28.64
N ALA A 387 46.62 6.66 29.52
CA ALA A 387 47.72 7.01 30.41
C ALA A 387 49.02 7.22 29.64
N LYS A 388 49.20 6.51 28.52
CA LYS A 388 50.41 6.76 27.73
C LYS A 388 50.27 8.00 26.86
N GLN A 389 49.07 8.32 26.38
CA GLN A 389 48.89 9.59 25.67
C GLN A 389 49.22 10.77 26.56
N ALA A 390 48.85 10.68 27.83
CA ALA A 390 48.92 11.80 28.77
C ALA A 390 50.14 11.76 29.67
N ASP A 391 51.03 10.79 29.46
CA ASP A 391 52.27 10.62 30.25
C ASP A 391 52.05 10.83 31.74
N ARG A 392 51.20 9.99 32.32
CA ARG A 392 51.00 9.95 33.77
C ARG A 392 50.95 8.51 34.24
N ARG A 393 51.16 8.33 35.53
CA ARG A 393 51.17 7.02 36.14
C ARG A 393 49.80 6.68 36.72
N ILE A 394 49.34 5.44 36.46
CA ILE A 394 48.06 4.97 36.97
C ILE A 394 48.19 3.60 37.61
N LYS A 395 47.32 3.36 38.59
CA LYS A 395 47.17 2.06 39.22
C LYS A 395 45.76 1.56 38.90
N LEU A 396 45.67 0.43 38.23
CA LEU A 396 44.41 -0.05 37.67
C LEU A 396 43.78 -1.16 38.48
N TYR A 397 42.46 -1.11 38.58
CA TYR A 397 41.69 -2.19 39.19
C TYR A 397 40.60 -2.52 38.21
N ALA A 398 40.41 -3.81 37.93
CA ALA A 398 39.40 -4.25 36.97
C ALA A 398 38.39 -5.06 37.77
N VAL A 399 37.28 -4.41 38.13
CA VAL A 399 36.24 -5.05 38.93
C VAL A 399 35.20 -5.60 37.97
N GLU A 400 34.95 -6.91 38.07
CA GLU A 400 33.93 -7.54 37.25
C GLU A 400 33.17 -8.53 38.11
N LYS A 401 31.90 -8.73 37.80
CA LYS A 401 31.05 -9.63 38.57
C LYS A 401 30.85 -10.96 37.89
N ASN A 402 30.80 -10.96 36.59
CA ASN A 402 30.61 -12.15 35.79
C ASN A 402 31.91 -12.94 35.83
N PRO A 403 31.94 -14.12 36.43
CA PRO A 403 33.21 -14.85 36.52
C PRO A 403 33.67 -15.45 35.22
N ASN A 404 32.76 -15.69 34.27
CA ASN A 404 33.22 -16.19 32.98
C ASN A 404 34.05 -15.14 32.26
N ALA A 405 33.71 -13.84 32.45
CA ALA A 405 34.49 -12.76 31.90
C ALA A 405 35.77 -12.52 32.68
N VAL A 406 35.73 -12.78 33.99
CA VAL A 406 36.94 -12.73 34.80
C VAL A 406 37.97 -13.72 34.29
N VAL A 407 37.55 -14.85 33.74
CA VAL A 407 38.57 -15.76 33.22
C VAL A 407 39.37 -15.09 32.11
N THR A 408 38.70 -14.29 31.30
CA THR A 408 39.39 -13.53 30.26
C THR A 408 40.30 -12.47 30.86
N LEU A 409 39.79 -11.76 31.86
CA LEU A 409 40.56 -10.69 32.48
C LEU A 409 41.83 -11.23 33.13
N GLU A 410 41.73 -12.34 33.85
CA GLU A 410 42.87 -12.89 34.56
C GLU A 410 43.89 -13.49 33.61
N ASN A 411 43.45 -14.09 32.49
CA ASN A 411 44.45 -14.48 31.48
C ASN A 411 45.14 -13.26 30.85
N TRP A 412 44.39 -12.19 30.58
CA TRP A 412 45.03 -10.97 30.08
C TRP A 412 46.04 -10.42 31.08
N GLN A 413 45.70 -10.46 32.38
CA GLN A 413 46.55 -9.88 33.41
C GLN A 413 47.81 -10.68 33.58
N PHE A 414 47.72 -11.98 33.36
CA PHE A 414 48.91 -12.80 33.41
C PHE A 414 49.87 -12.47 32.29
N GLU A 415 49.41 -12.60 31.04
CA GLU A 415 50.37 -12.59 29.95
C GLU A 415 50.56 -11.22 29.32
N GLU A 416 49.96 -10.15 29.86
CA GLU A 416 50.05 -8.86 29.18
C GLU A 416 50.04 -7.64 30.08
N TRP A 417 48.96 -7.42 30.81
CA TRP A 417 48.90 -6.25 31.67
C TRP A 417 49.92 -6.31 32.80
N GLY A 418 50.13 -7.49 33.32
CA GLY A 418 51.03 -7.54 34.43
C GLY A 418 50.44 -6.92 35.68
N SER A 419 51.34 -6.62 36.61
CA SER A 419 50.99 -6.14 37.93
C SER A 419 50.29 -4.78 37.93
N GLN A 420 50.27 -4.07 36.79
CA GLN A 420 49.63 -2.76 36.79
C GLN A 420 48.16 -2.88 37.09
N VAL A 421 47.51 -3.88 36.48
CA VAL A 421 46.10 -4.18 36.64
C VAL A 421 45.94 -5.20 37.76
N THR A 422 45.05 -4.89 38.69
CA THR A 422 44.61 -5.80 39.75
C THR A 422 43.18 -6.24 39.48
N VAL A 423 43.01 -7.50 39.20
CA VAL A 423 41.71 -8.00 38.82
C VAL A 423 40.93 -8.40 40.06
N VAL A 424 39.69 -7.95 40.12
CA VAL A 424 38.78 -8.22 41.21
C VAL A 424 37.53 -8.87 40.63
N SER A 425 37.15 -10.02 41.18
CA SER A 425 35.95 -10.75 40.75
C SER A 425 34.93 -10.59 41.87
N SER A 426 34.19 -9.47 41.82
CA SER A 426 33.21 -9.10 42.83
C SER A 426 32.22 -8.10 42.24
N ASP A 427 31.10 -7.97 42.94
CA ASP A 427 30.17 -6.87 42.68
C ASP A 427 30.71 -5.61 43.33
N MET A 428 30.65 -4.49 42.59
CA MET A 428 31.19 -3.23 43.09
C MET A 428 30.51 -2.75 44.36
N ARG A 429 29.25 -3.09 44.52
CA ARG A 429 28.52 -2.67 45.69
C ARG A 429 28.98 -3.43 46.90
N GLU A 430 29.64 -4.56 46.68
CA GLU A 430 29.95 -5.53 47.72
C GLU A 430 31.45 -5.63 47.98
N TRP A 431 32.26 -4.93 47.20
CA TRP A 431 33.70 -5.10 47.22
C TRP A 431 34.27 -4.11 48.20
N VAL A 432 35.12 -4.62 49.11
CA VAL A 432 35.88 -3.79 50.04
C VAL A 432 37.21 -3.48 49.39
N ALA A 433 37.47 -2.27 49.22
CA ALA A 433 38.62 -1.94 48.41
C ALA A 433 39.83 -1.64 49.29
N PRO A 434 41.02 -1.93 48.76
CA PRO A 434 42.25 -1.62 49.50
C PRO A 434 42.46 -0.14 49.74
N GLU A 435 42.26 0.67 48.69
CA GLU A 435 42.48 2.10 48.71
C GLU A 435 41.36 2.75 47.91
N LYS A 436 41.17 4.05 48.13
CA LYS A 436 40.18 4.83 47.38
C LYS A 436 40.71 5.22 46.00
N ALA A 437 39.77 5.56 45.12
CA ALA A 437 40.09 5.78 43.71
C ALA A 437 40.13 7.24 43.35
N ASP A 438 41.00 7.56 42.41
CA ASP A 438 40.99 8.89 41.81
C ASP A 438 39.92 8.97 40.73
N ILE A 439 39.75 7.90 39.97
CA ILE A 439 38.82 7.88 38.85
C ILE A 439 38.13 6.52 38.78
N ILE A 440 36.81 6.53 38.56
CA ILE A 440 36.09 5.28 38.36
C ILE A 440 35.44 5.31 37.00
N VAL A 441 35.79 4.37 36.18
CA VAL A 441 35.28 4.24 34.82
C VAL A 441 34.21 3.16 34.78
N SER A 442 33.11 3.47 34.11
CA SER A 442 31.98 2.57 34.06
C SER A 442 31.36 2.65 32.67
N GLU A 443 30.79 1.52 32.22
CA GLU A 443 30.12 1.35 30.94
C GLU A 443 28.82 0.58 31.14
N LEU A 444 28.06 1.01 32.14
CA LEU A 444 26.88 0.31 32.61
C LEU A 444 25.60 0.89 32.05
N LEU A 445 25.68 1.47 30.85
CA LEU A 445 24.61 2.28 30.30
C LEU A 445 23.83 1.47 29.28
N GLY A 446 22.53 1.71 29.26
CA GLY A 446 21.64 1.02 28.35
C GLY A 446 21.05 1.93 27.30
N SER A 447 20.11 1.38 26.54
CA SER A 447 19.50 2.18 25.50
C SER A 447 18.70 3.32 26.09
N PHE A 448 18.32 3.25 27.35
CA PHE A 448 17.57 4.32 27.97
C PHE A 448 18.32 4.88 29.17
N ALA A 449 19.65 4.84 29.09
CA ALA A 449 20.63 5.31 30.07
C ALA A 449 20.67 4.46 31.32
N ASP A 450 19.69 4.66 32.19
CA ASP A 450 19.68 3.99 33.47
C ASP A 450 19.02 2.61 33.47
N ASN A 451 18.66 2.04 32.31
CA ASN A 451 17.84 0.82 32.35
C ASN A 451 18.64 -0.44 32.66
N GLU A 452 19.97 -0.41 32.62
CA GLU A 452 20.78 -1.48 33.16
C GLU A 452 21.25 -1.17 34.56
N LEU A 453 20.70 -0.12 35.17
CA LEU A 453 20.89 0.18 36.59
C LEU A 453 22.28 0.71 36.88
N SER A 454 22.80 1.56 36.01
CA SER A 454 24.05 2.25 36.33
C SER A 454 23.96 3.01 37.65
N PRO A 455 22.91 3.73 37.93
CA PRO A 455 22.80 4.45 39.20
C PRO A 455 23.01 3.62 40.44
N GLU A 456 22.24 2.54 40.58
CA GLU A 456 22.30 1.75 41.81
C GLU A 456 23.70 1.21 42.08
N CYS A 457 24.34 0.71 41.02
CA CYS A 457 25.68 0.13 41.15
C CYS A 457 26.70 1.20 41.54
N LEU A 458 26.73 2.32 40.81
CA LEU A 458 27.73 3.34 41.12
C LEU A 458 27.45 4.01 42.45
N ASP A 459 26.20 4.06 42.90
CA ASP A 459 25.96 4.58 44.24
C ASP A 459 26.49 3.62 45.29
N GLY A 460 26.41 2.32 45.05
CA GLY A 460 27.04 1.37 45.95
C GLY A 460 28.55 1.25 45.84
N ALA A 461 29.14 1.92 44.85
CA ALA A 461 30.59 1.92 44.68
C ALA A 461 31.26 3.26 44.90
N GLN A 462 30.51 4.31 45.12
CA GLN A 462 31.17 5.60 45.31
C GLN A 462 31.79 5.76 46.69
N HIS A 463 31.44 4.89 47.64
CA HIS A 463 32.05 4.99 48.95
C HIS A 463 33.55 4.73 48.90
N PHE A 464 34.06 4.03 47.89
CA PHE A 464 35.51 3.95 47.75
C PHE A 464 36.06 4.91 46.70
N LEU A 465 35.44 6.08 46.57
CA LEU A 465 35.90 7.14 45.71
C LEU A 465 36.51 8.24 46.56
N LYS A 466 37.64 8.77 46.09
CA LYS A 466 38.26 9.90 46.77
C LYS A 466 37.28 11.07 46.87
N ASP A 467 37.32 11.77 48.01
CA ASP A 467 36.40 12.87 48.25
C ASP A 467 36.41 13.89 47.13
N ASP A 468 37.46 13.93 46.31
CA ASP A 468 37.51 14.79 45.14
C ASP A 468 37.47 13.99 43.84
N GLY A 469 37.00 12.74 43.91
CA GLY A 469 37.14 11.84 42.78
C GLY A 469 36.23 12.17 41.61
N VAL A 470 36.62 11.64 40.45
CA VAL A 470 35.90 11.81 39.19
C VAL A 470 35.28 10.49 38.74
N SER A 471 33.97 10.49 38.50
CA SER A 471 33.33 9.39 37.79
C SER A 471 33.27 9.69 36.30
N ILE A 472 33.70 8.72 35.51
CA ILE A 472 33.47 8.65 34.07
C ILE A 472 32.52 7.49 33.83
N PRO A 473 31.33 7.73 33.31
CA PRO A 473 30.77 9.04 32.94
C PRO A 473 30.32 9.81 34.14
N GLY A 474 30.12 11.11 33.98
CA GLY A 474 29.73 11.94 35.08
C GLY A 474 28.25 12.23 35.10
N GLU A 475 27.60 12.27 33.93
CA GLU A 475 26.14 12.26 34.02
C GLU A 475 25.52 11.63 32.78
N TYR A 476 24.25 11.23 32.89
CA TYR A 476 23.53 10.73 31.73
C TYR A 476 22.06 11.12 31.81
N THR A 477 21.47 11.37 30.63
CA THR A 477 20.09 11.77 30.49
C THR A 477 19.37 10.89 29.48
N SER A 478 18.17 10.44 29.83
CA SER A 478 17.33 9.67 28.93
C SER A 478 16.34 10.58 28.20
N PHE A 479 15.91 10.15 27.02
CA PHE A 479 15.11 10.97 26.13
C PHE A 479 13.95 10.13 25.62
N LEU A 480 12.82 10.79 25.33
CA LEU A 480 11.61 10.15 24.82
C LEU A 480 10.94 10.99 23.74
N ALA A 481 10.30 10.29 22.81
CA ALA A 481 9.62 10.94 21.68
C ALA A 481 8.46 10.07 21.24
N PRO A 482 7.28 10.62 21.06
CA PRO A 482 6.15 9.77 20.71
C PRO A 482 6.27 9.33 19.28
N ILE A 483 5.85 8.10 19.01
CA ILE A 483 5.93 7.55 17.68
C ILE A 483 4.62 6.88 17.33
N SER A 484 4.35 6.88 16.05
CA SER A 484 3.25 6.16 15.43
C SER A 484 3.84 5.11 14.50
N SER A 485 3.64 3.85 14.82
CA SER A 485 4.07 2.80 13.90
C SER A 485 3.08 1.66 14.00
N SER A 486 2.42 1.38 12.89
CA SER A 486 1.48 0.29 12.91
C SER A 486 2.18 -1.02 12.84
N LYS A 487 3.36 -1.04 12.21
CA LYS A 487 4.15 -2.28 12.14
C LYS A 487 4.57 -2.71 13.53
N LEU A 488 5.24 -1.83 14.26
CA LEU A 488 5.76 -2.23 15.55
C LEU A 488 4.63 -2.49 16.54
N TYR A 489 3.51 -1.81 16.41
CA TYR A 489 2.37 -2.13 17.28
C TYR A 489 1.93 -3.56 17.05
N ASN A 490 1.80 -3.95 15.78
CA ASN A 490 1.44 -5.33 15.53
C ASN A 490 2.49 -6.30 16.06
N GLU A 491 3.76 -5.92 16.08
CA GLU A 491 4.78 -6.90 16.52
C GLU A 491 4.78 -7.10 18.02
N VAL A 492 4.61 -6.02 18.76
CA VAL A 492 4.42 -6.17 20.19
C VAL A 492 3.18 -7.02 20.45
N ARG A 493 2.11 -6.81 19.68
CA ARG A 493 0.90 -7.62 19.81
C ARG A 493 1.19 -9.11 19.62
N ALA A 494 2.01 -9.44 18.65
CA ALA A 494 2.33 -10.83 18.39
C ALA A 494 3.22 -11.42 19.45
N CYS A 495 3.82 -10.59 20.30
CA CYS A 495 4.71 -11.09 21.34
C CYS A 495 3.98 -11.70 22.54
N ARG A 496 2.68 -11.97 22.38
CA ARG A 496 1.90 -12.60 23.43
C ARG A 496 2.33 -14.04 23.67
N GLU A 497 2.53 -14.38 24.94
CA GLU A 497 3.04 -15.65 25.38
C GLU A 497 2.04 -16.29 26.33
N LYS A 498 1.87 -17.59 26.21
CA LYS A 498 1.09 -18.35 27.16
C LYS A 498 1.75 -18.36 28.54
N ASP A 499 0.96 -18.83 29.50
CA ASP A 499 1.30 -18.84 30.94
C ASP A 499 1.61 -17.43 31.49
N ARG A 500 1.00 -16.38 30.94
CA ARG A 500 1.19 -15.04 31.47
C ARG A 500 0.09 -14.10 30.98
N ASP A 501 0.14 -12.87 31.50
CA ASP A 501 -0.85 -11.84 31.22
C ASP A 501 -0.94 -11.64 29.72
N PRO A 502 -2.14 -11.62 29.16
CA PRO A 502 -2.25 -11.53 27.71
C PRO A 502 -1.93 -10.17 27.20
N GLU A 503 -1.81 -9.19 28.09
CA GLU A 503 -1.42 -7.82 27.77
C GLU A 503 -0.04 -7.45 28.33
N ALA A 504 0.68 -8.43 28.90
CA ALA A 504 1.99 -8.20 29.48
C ALA A 504 2.99 -7.68 28.48
N GLN A 505 2.85 -8.07 27.22
CA GLN A 505 3.84 -7.66 26.24
C GLN A 505 3.84 -6.18 25.97
N PHE A 506 2.73 -5.48 26.21
CA PHE A 506 2.78 -4.04 26.00
C PHE A 506 3.33 -3.29 27.20
N GLU A 507 3.59 -3.98 28.31
CA GLU A 507 4.01 -3.36 29.56
C GLU A 507 5.50 -3.56 29.81
N MET A 508 6.27 -3.68 28.74
CA MET A 508 7.71 -3.84 28.80
C MET A 508 8.40 -3.11 27.67
N PRO A 509 9.57 -2.54 27.91
CA PRO A 509 10.32 -1.92 26.84
C PRO A 509 11.05 -2.91 25.97
N TYR A 510 11.30 -2.51 24.74
CA TYR A 510 12.05 -3.35 23.81
C TYR A 510 13.23 -2.61 23.21
N VAL A 511 14.41 -3.21 23.19
CA VAL A 511 15.50 -2.70 22.36
C VAL A 511 15.22 -3.10 20.92
N VAL A 512 15.04 -2.12 20.07
CA VAL A 512 14.66 -2.35 18.69
C VAL A 512 15.25 -1.24 17.83
N ARG A 513 15.67 -1.61 16.63
CA ARG A 513 16.20 -0.70 15.62
C ARG A 513 15.02 -0.19 14.80
N LEU A 514 14.45 0.93 15.24
CA LEU A 514 13.24 1.50 14.66
C LEU A 514 13.46 1.91 13.21
N HIS A 515 12.50 1.50 12.36
CA HIS A 515 12.68 1.68 10.93
C HIS A 515 11.42 2.11 10.22
N ASN A 516 10.39 1.27 10.25
CA ASN A 516 9.09 1.68 9.71
C ASN A 516 8.29 2.33 10.84
N PHE A 517 8.59 3.60 11.07
CA PHE A 517 7.96 4.33 12.16
C PHE A 517 7.90 5.80 11.79
N HIS A 518 7.17 6.55 12.59
CA HIS A 518 6.94 7.97 12.39
C HIS A 518 7.14 8.71 13.70
N GLN A 519 8.22 9.45 13.81
CA GLN A 519 8.43 10.23 15.01
C GLN A 519 7.56 11.46 14.95
N LEU A 520 6.77 11.68 15.99
CA LEU A 520 5.75 12.71 15.97
C LEU A 520 6.17 14.02 16.60
N SER A 521 7.22 14.02 17.41
CA SER A 521 7.66 15.24 18.10
C SER A 521 9.08 15.02 18.57
N ALA A 522 9.86 16.09 18.62
CA ALA A 522 11.29 15.93 18.87
C ALA A 522 11.54 15.42 20.28
N PRO A 523 12.57 14.60 20.46
CA PRO A 523 12.83 14.05 21.78
C PRO A 523 13.03 15.15 22.78
N GLN A 524 12.57 14.89 23.99
CA GLN A 524 12.65 15.71 25.18
C GLN A 524 13.21 14.88 26.32
N PRO A 525 13.95 15.50 27.23
CA PRO A 525 14.60 14.73 28.28
C PRO A 525 13.64 14.26 29.35
N CYS A 526 13.92 13.04 29.83
CA CYS A 526 13.13 12.37 30.84
C CYS A 526 13.88 12.34 32.15
N PHE A 527 14.65 11.31 32.44
CA PHE A 527 15.32 11.16 33.73
C PHE A 527 16.82 11.41 33.58
N THR A 528 17.41 12.06 34.58
CA THR A 528 18.83 12.41 34.57
C THR A 528 19.46 11.97 35.87
N PHE A 529 20.71 11.47 35.78
CA PHE A 529 21.46 11.01 36.94
C PHE A 529 22.88 11.53 36.84
N SER A 530 23.46 11.83 38.00
CA SER A 530 24.78 12.44 38.11
C SER A 530 25.66 11.62 39.04
N HIS A 531 26.95 11.48 38.67
CA HIS A 531 27.91 10.69 39.46
C HIS A 531 29.24 11.42 39.67
N PRO A 532 29.70 11.54 40.92
CA PRO A 532 29.10 11.02 42.15
C PRO A 532 27.98 11.90 42.69
N ASN A 533 26.97 11.29 43.33
CA ASN A 533 25.77 11.98 43.82
C ASN A 533 25.97 12.22 45.31
N ARG A 534 26.26 13.48 45.65
CA ARG A 534 26.59 13.89 47.00
C ARG A 534 25.38 14.36 47.78
N ASP A 535 24.18 13.97 47.37
CA ASP A 535 22.98 14.28 48.12
C ASP A 535 22.94 13.45 49.41
N PRO A 536 22.39 14.01 50.50
CA PRO A 536 22.44 13.27 51.79
C PRO A 536 21.54 12.04 51.80
N MET A 537 20.37 12.14 51.19
CA MET A 537 19.50 10.99 50.91
C MET A 537 19.51 10.80 49.40
N ILE A 538 20.08 9.69 48.95
CA ILE A 538 20.05 9.35 47.53
C ILE A 538 18.73 8.68 47.24
N ASP A 539 18.00 9.15 46.22
CA ASP A 539 16.75 8.53 45.79
C ASP A 539 16.78 8.43 44.27
N ASN A 540 16.96 7.22 43.76
CA ASN A 540 17.00 7.05 42.33
C ASN A 540 15.61 6.96 41.72
N ASN A 541 14.56 7.00 42.50
CA ASN A 541 13.24 7.04 41.92
C ASN A 541 12.97 8.37 41.24
N ARG A 542 12.00 8.36 40.33
CA ARG A 542 11.77 9.53 39.50
C ARG A 542 10.32 9.62 39.08
N TYR A 543 9.93 10.83 38.70
CA TYR A 543 8.62 11.07 38.09
C TYR A 543 8.80 12.27 37.17
N CYS A 544 8.47 12.09 35.90
CA CYS A 544 8.65 13.11 34.88
C CYS A 544 7.42 13.19 34.01
N THR A 545 7.01 14.39 33.65
CA THR A 545 5.82 14.62 32.86
C THR A 545 6.22 15.38 31.63
N LEU A 546 5.95 14.83 30.47
CA LEU A 546 6.36 15.46 29.23
C LEU A 546 5.16 15.72 28.35
N GLU A 547 5.22 16.86 27.66
CA GLU A 547 4.18 17.34 26.75
C GLU A 547 4.79 17.53 25.37
N PHE A 548 4.24 16.82 24.39
CA PHE A 548 4.80 16.72 23.05
C PHE A 548 3.80 17.28 22.05
N PRO A 549 4.03 18.47 21.51
CA PRO A 549 3.08 19.04 20.56
C PRO A 549 3.23 18.36 19.21
N VAL A 550 2.11 17.89 18.68
CA VAL A 550 2.10 17.23 17.39
C VAL A 550 1.34 18.11 16.41
N GLU A 551 1.89 18.25 15.20
CA GLU A 551 1.30 19.11 14.21
C GLU A 551 0.74 18.33 13.01
N VAL A 552 0.38 17.06 13.19
CA VAL A 552 -0.32 16.30 12.17
C VAL A 552 -1.32 15.42 12.90
N ASN A 553 -2.35 14.98 12.19
CA ASN A 553 -3.15 13.86 12.66
C ASN A 553 -2.27 12.61 12.56
N THR A 554 -2.52 11.64 13.44
CA THR A 554 -1.67 10.46 13.56
C THR A 554 -2.28 9.58 14.64
N VAL A 555 -1.76 8.37 14.79
CA VAL A 555 -2.23 7.48 15.84
C VAL A 555 -1.05 6.92 16.59
N LEU A 556 -0.92 7.34 17.84
CA LEU A 556 0.18 6.95 18.71
C LEU A 556 0.16 5.48 19.07
N HIS A 557 1.31 4.85 18.91
CA HIS A 557 1.51 3.48 19.28
C HIS A 557 2.58 3.26 20.34
N GLY A 558 3.52 4.20 20.51
CA GLY A 558 4.44 4.05 21.62
C GLY A 558 5.31 5.26 21.78
N PHE A 559 6.36 5.09 22.55
CA PHE A 559 7.36 6.14 22.72
C PHE A 559 8.74 5.59 22.50
N ALA A 560 9.51 6.26 21.64
CA ALA A 560 10.90 5.95 21.45
C ALA A 560 11.79 6.48 22.55
N GLY A 561 12.80 5.70 22.89
CA GLY A 561 13.74 6.05 23.93
C GLY A 561 15.17 6.07 23.45
N TYR A 562 15.90 7.11 23.84
CA TYR A 562 17.26 7.38 23.39
C TYR A 562 18.02 7.84 24.63
N PHE A 563 19.30 8.10 24.52
CA PHE A 563 19.99 8.63 25.70
C PHE A 563 21.19 9.46 25.28
N GLU A 564 21.74 10.18 26.24
CA GLU A 564 22.86 11.08 26.03
C GLU A 564 23.69 10.98 27.29
N THR A 565 25.02 11.00 27.18
CA THR A 565 25.84 10.90 28.39
C THR A 565 27.12 11.72 28.25
N VAL A 566 27.46 12.39 29.34
CA VAL A 566 28.66 13.17 29.49
C VAL A 566 29.71 12.28 30.15
N LEU A 567 30.69 11.87 29.32
CA LEU A 567 31.82 11.09 29.83
C LEU A 567 32.72 11.95 30.69
N TYR A 568 33.22 13.06 30.12
CA TYR A 568 34.00 14.06 30.84
C TYR A 568 34.03 15.34 29.99
N GLN A 569 33.52 16.43 30.54
CA GLN A 569 33.57 17.78 29.91
C GLN A 569 32.85 17.81 28.60
N ASP A 570 33.51 18.05 27.47
CA ASP A 570 32.86 18.13 26.18
C ASP A 570 32.86 16.79 25.49
N ILE A 571 33.47 15.77 26.11
CA ILE A 571 33.44 14.44 25.52
C ILE A 571 32.10 13.81 25.86
N THR A 572 31.36 13.41 24.83
CA THR A 572 30.02 12.93 24.99
C THR A 572 29.77 11.77 24.04
N LEU A 573 28.80 10.94 24.47
CA LEU A 573 28.20 9.89 23.64
C LEU A 573 26.69 10.04 23.67
N SER A 574 26.04 9.72 22.54
CA SER A 574 24.61 9.94 22.35
C SER A 574 24.07 9.03 21.26
N ILE A 575 22.83 8.56 21.43
CA ILE A 575 22.11 7.90 20.37
C ILE A 575 20.83 8.64 20.03
N ARG A 576 20.75 9.86 20.49
CA ARG A 576 19.68 10.76 20.13
C ARG A 576 19.84 11.19 18.69
N PRO A 577 18.80 11.08 17.87
CA PRO A 577 19.01 11.20 16.43
C PRO A 577 19.46 12.57 16.01
N GLU A 578 19.23 13.57 16.85
CA GLU A 578 19.71 14.91 16.58
C GLU A 578 21.22 15.03 16.75
N THR A 579 21.76 14.42 17.79
CA THR A 579 23.16 14.56 18.18
C THR A 579 23.84 13.18 18.26
N HIS A 580 23.44 12.30 17.36
CA HIS A 580 23.88 10.92 17.38
C HIS A 580 25.38 10.82 17.15
N SER A 581 26.06 10.06 17.97
CA SER A 581 27.49 9.84 17.74
C SER A 581 27.63 9.03 16.47
N PRO A 582 28.47 9.42 15.51
CA PRO A 582 28.44 8.74 14.21
C PRO A 582 29.15 7.40 14.23
N GLY A 583 28.54 6.43 13.52
CA GLY A 583 29.10 5.09 13.39
C GLY A 583 29.18 4.32 14.69
N MET A 584 28.25 4.60 15.62
CA MET A 584 28.19 3.94 16.91
C MET A 584 26.93 3.08 16.97
N PHE A 585 27.11 1.80 16.69
CA PHE A 585 26.06 0.81 16.63
C PHE A 585 25.84 0.11 17.95
N SER A 586 26.55 0.55 18.98
CA SER A 586 26.51 -0.15 20.26
C SER A 586 25.15 -0.06 20.92
N TRP A 587 24.46 1.04 20.76
CA TRP A 587 23.15 1.19 21.33
C TRP A 587 22.15 1.50 20.23
N PHE A 588 21.13 0.66 20.12
CA PHE A 588 19.86 0.85 19.46
C PHE A 588 18.91 1.54 20.42
N PRO A 589 17.82 2.11 19.92
CA PRO A 589 16.85 2.77 20.78
C PRO A 589 15.96 1.74 21.46
N ILE A 590 15.22 2.23 22.44
CA ILE A 590 14.29 1.42 23.22
C ILE A 590 12.88 1.82 22.87
N LEU A 591 11.90 0.99 23.23
CA LEU A 591 10.53 1.27 22.84
C LEU A 591 9.56 0.90 23.94
N PHE A 592 8.89 1.92 24.49
CA PHE A 592 7.85 1.71 25.48
C PHE A 592 6.54 1.75 24.75
N PRO A 593 5.92 0.63 24.48
CA PRO A 593 4.64 0.61 23.80
C PRO A 593 3.51 0.96 24.75
N ILE A 594 2.37 1.21 24.15
CA ILE A 594 1.13 1.37 24.90
C ILE A 594 0.12 0.33 24.42
N LYS A 595 -0.65 -0.21 25.37
CA LYS A 595 -1.59 -1.29 25.05
C LYS A 595 -2.46 -0.95 23.87
N GLN A 596 -2.87 0.24 23.79
CA GLN A 596 -4.03 0.66 23.03
C GLN A 596 -3.68 1.91 22.26
N PRO A 597 -3.83 1.88 20.93
CA PRO A 597 -3.50 3.04 20.11
C PRO A 597 -4.36 4.22 20.45
N ILE A 598 -3.75 5.39 20.44
CA ILE A 598 -4.41 6.60 20.89
C ILE A 598 -4.42 7.55 19.72
N THR A 599 -5.60 7.88 19.24
CA THR A 599 -5.71 8.68 18.05
C THR A 599 -5.46 10.15 18.41
N VAL A 600 -4.72 10.87 17.58
CA VAL A 600 -4.26 12.20 17.91
C VAL A 600 -4.46 13.14 16.72
N ARG A 601 -5.05 14.30 16.99
CA ARG A 601 -5.46 15.27 15.99
C ARG A 601 -4.38 16.29 15.75
N GLU A 602 -4.51 17.01 14.63
CA GLU A 602 -3.65 18.14 14.34
C GLU A 602 -3.74 19.18 15.45
N GLY A 603 -2.60 19.55 16.00
CA GLY A 603 -2.52 20.57 17.02
C GLY A 603 -2.65 20.11 18.46
N GLN A 604 -3.10 18.88 18.71
CA GLN A 604 -3.21 18.48 20.09
C GLN A 604 -1.85 18.19 20.68
N THR A 605 -1.84 17.98 21.98
CA THR A 605 -0.60 17.69 22.66
C THR A 605 -0.73 16.33 23.28
N ILE A 606 0.38 15.59 23.25
CA ILE A 606 0.51 14.27 23.84
C ILE A 606 1.22 14.44 25.17
N CYS A 607 0.57 14.09 26.28
CA CYS A 607 1.16 14.17 27.61
C CYS A 607 1.44 12.76 28.07
N VAL A 608 2.69 12.47 28.38
CA VAL A 608 3.09 11.15 28.87
C VAL A 608 3.77 11.36 30.21
N ARG A 609 3.49 10.47 31.14
CA ARG A 609 4.09 10.48 32.44
C ARG A 609 4.96 9.25 32.57
N PHE A 610 6.09 9.39 33.22
CA PHE A 610 7.00 8.29 33.39
C PHE A 610 7.49 8.28 34.82
N TRP A 611 7.50 7.09 35.39
CA TRP A 611 7.98 6.85 36.74
C TRP A 611 9.09 5.84 36.68
N ARG A 612 10.11 6.05 37.50
CA ARG A 612 11.17 5.07 37.77
C ARG A 612 10.96 4.62 39.20
N CYS A 613 10.55 3.39 39.41
CA CYS A 613 10.27 2.91 40.75
C CYS A 613 11.23 1.77 41.10
N SER A 614 11.50 1.62 42.38
CA SER A 614 12.43 0.61 42.84
C SER A 614 11.98 0.15 44.22
N ASN A 615 12.36 -1.08 44.54
CA ASN A 615 12.33 -1.54 45.93
C ASN A 615 13.73 -2.06 46.26
N SER A 616 13.84 -2.79 47.38
CA SER A 616 15.12 -3.32 47.83
C SER A 616 15.68 -4.40 46.91
N LYS A 617 14.85 -4.94 45.97
CA LYS A 617 15.19 -6.08 45.14
C LYS A 617 15.18 -5.84 43.63
N LYS A 618 14.31 -4.98 43.11
CA LYS A 618 14.24 -4.74 41.67
C LYS A 618 13.84 -3.29 41.38
N VAL A 619 13.93 -2.94 40.11
CA VAL A 619 13.73 -1.59 39.63
C VAL A 619 12.91 -1.68 38.36
N TRP A 620 11.97 -0.78 38.19
CA TRP A 620 11.13 -0.84 37.01
C TRP A 620 10.60 0.52 36.64
N TYR A 621 10.09 0.59 35.41
CA TYR A 621 9.47 1.75 34.83
C TYR A 621 7.96 1.53 34.78
N GLU A 622 7.20 2.55 35.18
CA GLU A 622 5.76 2.67 34.95
C GLU A 622 5.51 3.90 34.08
N TRP A 623 4.48 3.84 33.25
CA TRP A 623 4.24 4.95 32.33
C TRP A 623 2.77 4.96 31.92
N ALA A 624 2.28 6.16 31.63
CA ALA A 624 0.90 6.39 31.27
C ALA A 624 0.79 7.63 30.39
N VAL A 625 -0.25 7.65 29.57
CA VAL A 625 -0.60 8.78 28.71
C VAL A 625 -1.84 9.41 29.31
N THR A 626 -1.82 10.73 29.42
CA THR A 626 -2.90 11.46 30.04
C THR A 626 -3.59 12.43 29.11
N ALA A 627 -2.99 12.75 27.96
CA ALA A 627 -3.52 13.68 27.00
C ALA A 627 -3.07 13.23 25.63
N PRO A 628 -3.91 13.31 24.61
CA PRO A 628 -5.30 13.77 24.60
C PRO A 628 -6.36 12.92 25.32
N VAL A 629 -6.11 11.63 25.58
CA VAL A 629 -6.97 10.83 26.44
C VAL A 629 -6.08 9.99 27.33
N CYS A 630 -6.63 9.60 28.47
CA CYS A 630 -5.85 8.77 29.38
C CYS A 630 -5.71 7.37 28.78
N SER A 631 -4.55 6.83 29.00
CA SER A 631 -4.22 5.44 28.89
C SER A 631 -4.31 4.84 30.29
N ALA A 632 -3.85 3.62 30.43
CA ALA A 632 -3.82 2.95 31.71
C ALA A 632 -2.38 2.86 32.15
N ILE A 633 -2.17 3.00 33.48
CA ILE A 633 -0.83 2.94 34.05
C ILE A 633 -0.26 1.60 33.67
N HIS A 634 0.82 1.61 32.92
CA HIS A 634 1.46 0.45 32.36
C HIS A 634 2.56 -0.01 33.30
N ASN A 635 2.58 -1.28 33.56
CA ASN A 635 3.52 -2.02 34.38
C ASN A 635 3.46 -1.62 35.83
N PRO A 636 2.28 -1.37 36.39
CA PRO A 636 2.20 -1.08 37.81
C PRO A 636 2.85 -2.17 38.62
N THR A 637 3.76 -1.79 39.53
CA THR A 637 4.32 -2.74 40.49
C THR A 637 5.32 -3.67 39.83
N GLY A 638 5.81 -3.31 38.66
CA GLY A 638 6.63 -4.22 37.88
C GLY A 638 5.98 -5.54 37.56
N ARG A 639 4.68 -5.56 37.37
CA ARG A 639 4.03 -6.85 37.25
C ARG A 639 4.37 -7.58 35.96
N SER A 640 4.86 -6.87 34.94
CA SER A 640 5.22 -7.47 33.66
C SER A 640 6.72 -7.45 33.36
N TYR A 641 7.43 -6.46 33.90
CA TYR A 641 8.83 -6.20 33.56
C TYR A 641 9.54 -5.63 34.75
N THR A 642 10.65 -6.23 35.19
CA THR A 642 11.47 -5.65 36.22
C THR A 642 12.93 -5.94 35.98
N ILE A 643 13.79 -5.04 36.42
CA ILE A 643 15.23 -5.17 36.23
C ILE A 643 15.86 -5.56 37.56
N GLY A 644 16.51 -6.72 37.60
CA GLY A 644 16.90 -7.28 38.88
C GLY A 644 18.17 -6.65 39.42
N LEU A 645 18.16 -6.41 40.73
CA LEU A 645 19.35 -5.88 41.41
C LEU A 645 20.39 -6.93 41.86
N PRO B 28 -15.39 -19.30 -44.89
CA PRO B 28 -14.72 -18.03 -45.24
C PRO B 28 -13.26 -18.03 -44.83
N PRO B 29 -12.38 -17.45 -45.65
CA PRO B 29 -10.93 -17.52 -45.35
C PRO B 29 -10.51 -16.50 -44.31
N ASN B 30 -9.67 -16.91 -43.36
CA ASN B 30 -9.20 -16.11 -42.23
C ASN B 30 -10.18 -16.24 -41.06
N ALA B 31 -11.35 -16.80 -41.26
CA ALA B 31 -12.26 -17.00 -40.18
C ALA B 31 -11.64 -17.99 -39.20
N PRO B 32 -11.93 -17.85 -37.91
CA PRO B 32 -11.56 -18.89 -36.97
C PRO B 32 -12.61 -19.98 -36.93
N ALA B 33 -12.15 -21.17 -36.53
CA ALA B 33 -13.02 -22.34 -36.50
C ALA B 33 -14.13 -22.24 -35.44
N CYS B 34 -13.82 -21.69 -34.26
CA CYS B 34 -14.80 -21.56 -33.18
C CYS B 34 -14.96 -20.09 -32.77
N MET B 35 -16.20 -19.66 -32.59
CA MET B 35 -16.47 -18.35 -32.03
C MET B 35 -16.68 -18.53 -30.52
N GLU B 36 -16.17 -17.57 -29.76
CA GLU B 36 -16.12 -17.65 -28.32
C GLU B 36 -17.53 -17.55 -27.71
N ARG B 37 -17.72 -18.22 -26.55
CA ARG B 37 -19.05 -18.49 -26.03
C ARG B 37 -19.82 -17.24 -25.65
N GLN B 38 -19.12 -16.18 -25.23
CA GLN B 38 -19.75 -14.99 -24.66
C GLN B 38 -19.88 -13.95 -25.75
N LEU B 39 -21.08 -13.85 -26.30
CA LEU B 39 -21.39 -12.85 -27.29
C LEU B 39 -21.66 -11.55 -26.56
N GLU B 40 -20.82 -10.55 -26.83
CA GLU B 40 -20.91 -9.27 -26.17
C GLU B 40 -21.74 -8.26 -26.95
N ALA B 41 -21.52 -8.10 -28.27
CA ALA B 41 -22.20 -7.05 -29.03
C ALA B 41 -22.84 -7.53 -30.33
N ALA B 42 -23.96 -6.89 -30.72
CA ALA B 42 -24.63 -7.20 -31.97
C ALA B 42 -25.27 -5.96 -32.57
N ARG B 43 -24.93 -5.67 -33.83
CA ARG B 43 -25.34 -4.44 -34.48
C ARG B 43 -25.65 -4.68 -35.95
N TYR B 44 -26.83 -4.18 -36.37
CA TYR B 44 -27.26 -4.27 -37.76
C TYR B 44 -26.73 -3.10 -38.57
N ARG B 45 -26.28 -3.39 -39.79
CA ARG B 45 -25.90 -2.42 -40.82
C ARG B 45 -27.14 -2.03 -41.65
N SER B 46 -27.05 -0.85 -42.28
CA SER B 46 -28.22 -0.31 -43.00
C SER B 46 -28.79 -1.29 -44.02
N ASP B 47 -27.92 -2.07 -44.70
CA ASP B 47 -28.42 -3.00 -45.70
C ASP B 47 -29.16 -4.18 -45.07
N GLY B 48 -28.63 -4.74 -43.98
CA GLY B 48 -29.30 -5.84 -43.29
C GLY B 48 -28.37 -6.89 -42.70
N ALA B 49 -27.06 -6.61 -42.79
CA ALA B 49 -26.05 -7.52 -42.31
C ALA B 49 -25.99 -7.40 -40.80
N LEU B 50 -25.60 -8.48 -40.15
CA LEU B 50 -25.44 -8.50 -38.71
C LEU B 50 -23.97 -8.61 -38.38
N LEU B 51 -23.45 -7.65 -37.63
CA LEU B 51 -22.10 -7.71 -37.07
C LEU B 51 -22.21 -8.14 -35.62
N LEU B 52 -21.53 -9.22 -35.28
CA LEU B 52 -21.46 -9.67 -33.89
C LEU B 52 -20.00 -9.71 -33.44
N GLY B 53 -19.79 -9.35 -32.16
CA GLY B 53 -18.48 -9.38 -31.51
C GLY B 53 -18.52 -10.21 -30.25
N ALA B 54 -17.63 -11.21 -30.18
CA ALA B 54 -17.65 -12.23 -29.13
C ALA B 54 -16.32 -12.24 -28.37
N SER B 55 -16.38 -12.50 -27.06
CA SER B 55 -15.20 -12.54 -26.21
C SER B 55 -15.16 -13.83 -25.43
N SER B 56 -13.96 -14.38 -25.26
CA SER B 56 -13.76 -15.59 -24.45
C SER B 56 -13.41 -15.18 -23.03
N LEU B 57 -14.38 -15.32 -22.13
CA LEU B 57 -14.29 -14.84 -20.76
C LEU B 57 -13.86 -15.92 -19.79
N SER B 58 -13.63 -17.13 -20.28
CA SER B 58 -13.31 -18.25 -19.43
C SER B 58 -12.53 -19.24 -20.27
N GLY B 59 -11.67 -20.02 -19.63
CA GLY B 59 -10.86 -20.99 -20.32
C GLY B 59 -9.44 -20.50 -20.58
N ARG B 60 -8.64 -21.42 -21.14
CA ARG B 60 -7.20 -21.21 -21.23
C ARG B 60 -6.83 -19.92 -21.93
N CYS B 61 -7.62 -19.49 -22.91
CA CYS B 61 -7.28 -18.36 -23.78
C CYS B 61 -8.40 -17.33 -23.71
N TRP B 62 -8.03 -16.08 -23.46
CA TRP B 62 -9.01 -15.01 -23.22
C TRP B 62 -8.93 -14.00 -24.36
N ALA B 63 -9.50 -14.37 -25.50
CA ALA B 63 -9.41 -13.50 -26.67
C ALA B 63 -10.80 -13.09 -27.13
N GLY B 64 -10.84 -12.46 -28.30
CA GLY B 64 -12.08 -11.95 -28.86
C GLY B 64 -12.11 -12.17 -30.36
N SER B 65 -13.26 -11.87 -30.96
CA SER B 65 -13.50 -12.17 -32.37
C SER B 65 -14.63 -11.30 -32.92
N LEU B 66 -14.54 -11.01 -34.21
CA LEU B 66 -15.52 -10.19 -34.91
C LEU B 66 -16.01 -10.97 -36.11
N TRP B 67 -17.33 -10.89 -36.35
CA TRP B 67 -17.99 -11.68 -37.38
C TRP B 67 -19.04 -10.85 -38.10
N LEU B 68 -19.20 -11.11 -39.39
CA LEU B 68 -20.23 -10.50 -40.22
C LEU B 68 -21.07 -11.60 -40.87
N PHE B 69 -22.38 -11.52 -40.64
CA PHE B 69 -23.38 -12.46 -41.14
C PHE B 69 -24.36 -11.68 -42.01
N LYS B 70 -24.23 -11.84 -43.33
CA LYS B 70 -25.19 -11.24 -44.25
C LYS B 70 -26.57 -11.86 -44.15
N ASP B 71 -26.64 -13.10 -43.63
CA ASP B 71 -27.89 -13.73 -43.19
C ASP B 71 -27.92 -13.79 -41.67
N PRO B 72 -28.86 -13.10 -41.01
CA PRO B 72 -28.90 -13.18 -39.54
C PRO B 72 -29.41 -14.48 -39.00
N CYS B 73 -30.39 -15.11 -39.64
CA CYS B 73 -30.89 -16.37 -39.08
C CYS B 73 -29.82 -17.47 -39.10
N ALA B 74 -28.67 -17.25 -39.74
CA ALA B 74 -27.58 -18.23 -39.71
C ALA B 74 -26.70 -18.12 -38.47
N ALA B 75 -26.85 -17.06 -37.69
CA ALA B 75 -25.99 -16.85 -36.54
C ALA B 75 -26.38 -17.79 -35.42
N PRO B 76 -25.41 -18.36 -34.66
CA PRO B 76 -23.98 -18.09 -34.72
C PRO B 76 -23.10 -19.22 -35.29
N ASN B 77 -23.38 -19.71 -36.50
CA ASN B 77 -22.55 -20.75 -37.10
C ASN B 77 -21.31 -20.13 -37.74
N GLU B 78 -20.13 -20.65 -37.36
CA GLU B 78 -18.88 -20.23 -37.97
C GLU B 78 -18.80 -20.64 -39.44
N GLY B 79 -19.56 -21.67 -39.83
CA GLY B 79 -19.49 -22.15 -41.20
C GLY B 79 -20.34 -21.35 -42.15
N PHE B 80 -21.35 -20.69 -41.61
CA PHE B 80 -22.33 -19.95 -42.40
C PHE B 80 -22.24 -18.47 -42.05
N CYS B 81 -21.05 -17.90 -42.26
CA CYS B 81 -20.81 -16.48 -42.02
C CYS B 81 -20.16 -15.89 -43.27
N SER B 82 -20.31 -14.58 -43.43
CA SER B 82 -19.73 -13.87 -44.56
C SER B 82 -18.29 -13.42 -44.30
N ALA B 83 -17.91 -13.18 -43.05
CA ALA B 83 -16.50 -12.88 -42.77
C ALA B 83 -16.23 -13.04 -41.28
N GLY B 84 -15.01 -13.47 -40.95
CA GLY B 84 -14.62 -13.68 -39.56
C GLY B 84 -13.16 -13.35 -39.33
N VAL B 85 -12.87 -12.87 -38.11
CA VAL B 85 -11.48 -12.66 -37.71
C VAL B 85 -11.41 -12.70 -36.19
N GLN B 86 -10.20 -12.82 -35.67
CA GLN B 86 -9.96 -12.92 -34.25
C GLN B 86 -9.02 -11.82 -33.80
N THR B 87 -9.43 -11.09 -32.77
CA THR B 87 -8.64 -10.04 -32.16
C THR B 87 -7.73 -10.65 -31.09
N GLU B 88 -6.83 -9.82 -30.55
CA GLU B 88 -5.86 -10.31 -29.57
C GLU B 88 -6.49 -10.51 -28.20
N ALA B 89 -7.55 -9.75 -27.89
CA ALA B 89 -8.15 -9.79 -26.58
C ALA B 89 -9.66 -9.64 -26.70
N GLY B 90 -10.32 -9.77 -25.55
CA GLY B 90 -11.76 -9.73 -25.53
C GLY B 90 -12.31 -8.41 -26.06
N VAL B 91 -13.59 -8.48 -26.35
CA VAL B 91 -14.32 -7.41 -26.99
C VAL B 91 -15.34 -6.94 -25.98
N ALA B 92 -15.09 -5.78 -25.38
CA ALA B 92 -16.02 -5.27 -24.39
C ALA B 92 -17.21 -4.57 -25.02
N ASP B 93 -16.98 -3.88 -26.14
CA ASP B 93 -17.99 -3.15 -26.89
C ASP B 93 -17.42 -2.83 -28.28
N LEU B 94 -18.33 -2.68 -29.24
CA LEU B 94 -17.98 -2.25 -30.60
C LEU B 94 -19.14 -1.42 -31.16
N THR B 95 -18.87 -0.74 -32.28
CA THR B 95 -19.92 -0.04 -33.03
C THR B 95 -19.52 0.11 -34.50
N TRP B 96 -20.53 0.25 -35.36
CA TRP B 96 -20.32 0.38 -36.78
C TRP B 96 -19.77 1.77 -37.12
N VAL B 97 -18.67 1.81 -37.83
CA VAL B 97 -18.16 3.08 -38.31
C VAL B 97 -18.44 3.09 -39.80
N GLY B 98 -19.61 3.54 -40.17
CA GLY B 98 -19.96 3.65 -41.58
C GLY B 98 -20.61 2.35 -42.08
N GLU B 99 -20.00 1.74 -43.09
CA GLU B 99 -20.50 0.48 -43.60
C GLU B 99 -19.40 -0.56 -43.80
N ARG B 100 -18.15 -0.19 -43.52
CA ARG B 100 -17.03 -1.13 -43.52
C ARG B 100 -16.14 -1.04 -42.30
N GLY B 101 -16.21 0.04 -41.53
CA GLY B 101 -15.39 0.17 -40.36
C GLY B 101 -16.11 -0.37 -39.13
N ILE B 102 -15.31 -0.85 -38.19
CA ILE B 102 -15.79 -1.47 -36.98
C ILE B 102 -14.90 -0.98 -35.86
N LEU B 103 -15.50 -0.31 -34.89
CA LEU B 103 -14.75 0.21 -33.77
C LEU B 103 -14.84 -0.78 -32.63
N VAL B 104 -13.71 -1.03 -31.99
CA VAL B 104 -13.56 -2.11 -31.02
C VAL B 104 -12.94 -1.56 -29.75
N ALA B 105 -13.55 -1.93 -28.63
CA ALA B 105 -13.08 -1.60 -27.29
C ALA B 105 -12.45 -2.84 -26.64
N SER B 106 -11.13 -2.95 -26.72
CA SER B 106 -10.43 -4.14 -26.28
C SER B 106 -10.07 -4.06 -24.81
N ASP B 107 -10.06 -5.23 -24.14
CA ASP B 107 -9.57 -5.29 -22.76
C ASP B 107 -8.15 -4.79 -22.66
N SER B 108 -7.40 -4.88 -23.76
CA SER B 108 -5.98 -4.55 -23.74
C SER B 108 -5.75 -3.12 -23.34
N GLY B 109 -6.79 -2.31 -23.33
CA GLY B 109 -6.60 -0.89 -23.15
C GLY B 109 -6.56 -0.13 -24.45
N ALA B 110 -6.86 -0.78 -25.56
CA ALA B 110 -6.77 -0.20 -26.88
C ALA B 110 -8.13 -0.01 -27.51
N VAL B 111 -8.22 1.01 -28.32
CA VAL B 111 -9.32 1.19 -29.25
C VAL B 111 -8.78 0.81 -30.60
N GLU B 112 -9.43 -0.15 -31.27
CA GLU B 112 -8.96 -0.58 -32.57
C GLU B 112 -10.06 -0.45 -33.60
N LEU B 113 -9.67 -0.09 -34.80
CA LEU B 113 -10.57 0.05 -35.93
C LEU B 113 -10.20 -1.03 -36.93
N TRP B 114 -11.17 -1.91 -37.21
CA TRP B 114 -11.05 -2.97 -38.20
C TRP B 114 -11.96 -2.62 -39.38
N GLU B 115 -11.49 -2.82 -40.61
CA GLU B 115 -12.31 -2.46 -41.77
C GLU B 115 -12.62 -3.68 -42.63
N LEU B 116 -13.77 -3.60 -43.31
CA LEU B 116 -14.24 -4.68 -44.15
C LEU B 116 -13.56 -4.64 -45.51
N ASP B 117 -13.25 -5.84 -46.03
CA ASP B 117 -12.74 -6.06 -47.38
C ASP B 117 -13.61 -5.36 -48.41
N GLU B 118 -13.11 -5.27 -49.66
CA GLU B 118 -13.91 -4.72 -50.76
C GLU B 118 -15.10 -5.63 -51.06
N ASN B 119 -14.84 -6.94 -51.08
CA ASN B 119 -15.84 -7.98 -51.32
C ASN B 119 -16.63 -8.32 -50.07
N GLU B 120 -16.20 -7.79 -48.92
CA GLU B 120 -16.89 -8.00 -47.66
C GLU B 120 -16.83 -9.48 -47.31
N THR B 121 -15.61 -10.01 -47.34
CA THR B 121 -15.33 -11.36 -46.94
C THR B 121 -14.21 -11.44 -45.93
N LEU B 122 -13.51 -10.34 -45.69
CA LEU B 122 -12.38 -10.31 -44.77
C LEU B 122 -12.50 -9.08 -43.89
N ILE B 123 -11.74 -9.13 -42.78
CA ILE B 123 -11.72 -8.10 -41.75
C ILE B 123 -10.27 -7.91 -41.35
N VAL B 124 -9.75 -6.69 -41.49
CA VAL B 124 -8.36 -6.39 -41.20
C VAL B 124 -8.24 -5.21 -40.26
N SER B 125 -7.30 -5.30 -39.32
CA SER B 125 -7.08 -4.22 -38.36
C SER B 125 -6.46 -3.07 -39.12
N LYS B 126 -7.14 -1.94 -39.08
CA LYS B 126 -6.61 -0.71 -39.65
C LYS B 126 -5.78 0.06 -38.64
N PHE B 127 -6.29 0.27 -37.44
CA PHE B 127 -5.40 0.77 -36.39
C PHE B 127 -5.76 0.09 -35.08
N CYS B 128 -4.78 0.03 -34.18
CA CYS B 128 -4.96 -0.53 -32.84
C CYS B 128 -4.10 0.32 -31.93
N LYS B 129 -4.71 1.31 -31.29
CA LYS B 129 -4.00 2.31 -30.51
C LYS B 129 -4.23 2.05 -29.02
N TYR B 130 -3.12 1.92 -28.28
CA TYR B 130 -3.11 1.57 -26.88
C TYR B 130 -2.93 2.87 -26.09
N GLU B 131 -4.04 3.55 -25.82
CA GLU B 131 -4.00 4.81 -25.08
C GLU B 131 -4.57 4.74 -23.68
N HIS B 132 -5.54 3.85 -23.43
CA HIS B 132 -6.14 3.70 -22.11
C HIS B 132 -5.32 2.77 -21.22
N ASP B 133 -5.36 3.04 -19.92
CA ASP B 133 -4.56 2.32 -18.94
C ASP B 133 -5.32 1.15 -18.32
N ASP B 134 -6.47 0.80 -18.88
CA ASP B 134 -7.29 -0.29 -18.38
C ASP B 134 -8.34 -0.63 -19.43
N ILE B 135 -9.04 -1.72 -19.22
CA ILE B 135 -10.06 -2.21 -20.13
C ILE B 135 -10.85 -1.04 -20.71
N VAL B 136 -10.94 -0.99 -22.04
CA VAL B 136 -11.84 -0.06 -22.72
C VAL B 136 -13.21 -0.72 -22.74
N SER B 137 -14.23 -0.05 -22.19
CA SER B 137 -15.53 -0.67 -22.04
C SER B 137 -16.63 -0.06 -22.90
N THR B 138 -16.47 1.19 -23.36
CA THR B 138 -17.47 1.81 -24.19
C THR B 138 -16.83 2.54 -25.35
N VAL B 139 -17.49 2.43 -26.51
CA VAL B 139 -17.21 3.26 -27.68
C VAL B 139 -18.54 3.73 -28.28
N SER B 140 -18.55 4.98 -28.73
CA SER B 140 -19.67 5.54 -29.47
C SER B 140 -19.12 6.45 -30.55
N VAL B 141 -19.78 6.46 -31.70
CA VAL B 141 -19.36 7.31 -32.81
C VAL B 141 -20.23 8.54 -32.88
N LEU B 142 -19.57 9.68 -33.04
CA LEU B 142 -20.25 10.96 -33.09
C LEU B 142 -21.01 11.08 -34.41
N SER B 143 -21.85 12.11 -34.49
CA SER B 143 -22.67 12.31 -35.68
C SER B 143 -21.82 12.50 -36.96
N SER B 144 -20.61 13.05 -36.83
CA SER B 144 -19.74 13.23 -38.00
C SER B 144 -19.40 11.89 -38.65
N GLY B 145 -19.05 10.87 -37.88
CA GLY B 145 -18.48 9.67 -38.46
C GLY B 145 -16.98 9.71 -38.72
N THR B 146 -16.34 10.83 -38.45
CA THR B 146 -14.89 10.94 -38.48
C THR B 146 -14.29 10.97 -37.08
N GLN B 147 -15.13 11.03 -36.05
CA GLN B 147 -14.71 11.22 -34.67
C GLN B 147 -15.48 10.23 -33.79
N ALA B 148 -14.81 9.76 -32.75
CA ALA B 148 -15.42 8.82 -31.84
C ALA B 148 -15.03 9.19 -30.41
N VAL B 149 -15.71 8.57 -29.46
CA VAL B 149 -15.40 8.78 -28.05
C VAL B 149 -15.43 7.44 -27.33
N SER B 150 -14.46 7.25 -26.43
CA SER B 150 -14.26 6.00 -25.69
C SER B 150 -14.28 6.25 -24.18
N GLY B 151 -14.89 5.32 -23.45
CA GLY B 151 -14.82 5.32 -22.00
C GLY B 151 -14.15 4.06 -21.51
N SER B 152 -13.42 4.19 -20.41
CA SER B 152 -12.60 3.10 -19.88
C SER B 152 -12.82 2.93 -18.38
N LYS B 153 -12.26 1.85 -17.86
CA LYS B 153 -12.15 1.60 -16.42
C LYS B 153 -11.04 2.40 -15.78
N ASP B 154 -10.13 3.00 -16.56
CA ASP B 154 -9.08 3.87 -16.03
C ASP B 154 -9.61 5.28 -15.67
N ILE B 155 -10.90 5.54 -15.86
CA ILE B 155 -11.58 6.80 -15.48
C ILE B 155 -11.36 7.89 -16.53
N CYS B 156 -10.76 7.54 -17.67
CA CYS B 156 -10.61 8.47 -18.77
C CYS B 156 -11.72 8.32 -19.81
N ILE B 157 -12.07 9.44 -20.42
CA ILE B 157 -12.86 9.51 -21.65
C ILE B 157 -11.98 10.16 -22.69
N LYS B 158 -11.88 9.56 -23.85
CA LYS B 158 -11.02 10.07 -24.91
C LYS B 158 -11.86 10.35 -26.15
N VAL B 159 -11.52 11.43 -26.83
CA VAL B 159 -12.10 11.76 -28.11
C VAL B 159 -11.03 11.53 -29.17
N TRP B 160 -11.38 10.64 -30.11
CA TRP B 160 -10.53 10.09 -31.14
C TRP B 160 -10.91 10.67 -32.49
N ASP B 161 -9.89 10.91 -33.32
CA ASP B 161 -10.07 11.18 -34.75
C ASP B 161 -9.78 9.86 -35.48
N LEU B 162 -10.83 9.25 -36.03
CA LEU B 162 -10.70 7.97 -36.75
C LEU B 162 -9.82 8.11 -37.98
N ALA B 163 -9.87 9.26 -38.62
CA ALA B 163 -9.00 9.54 -39.75
C ALA B 163 -7.53 9.59 -39.31
N GLN B 164 -7.19 10.52 -38.40
CA GLN B 164 -5.80 10.74 -38.04
C GLN B 164 -5.20 9.57 -37.28
N GLN B 165 -6.06 8.81 -36.58
CA GLN B 165 -5.65 7.71 -35.72
C GLN B 165 -4.96 8.16 -34.45
N VAL B 166 -5.34 9.32 -33.92
CA VAL B 166 -4.79 9.81 -32.67
C VAL B 166 -5.91 10.37 -31.81
N VAL B 167 -5.56 10.64 -30.56
CA VAL B 167 -6.52 11.12 -29.58
C VAL B 167 -6.48 12.63 -29.57
N LEU B 168 -7.61 13.24 -29.91
CA LEU B 168 -7.68 14.70 -29.86
C LEU B 168 -7.74 15.20 -28.44
N SER B 169 -8.58 14.59 -27.60
CA SER B 169 -8.69 15.10 -26.23
C SER B 169 -8.85 13.96 -25.25
N SER B 170 -8.27 14.09 -24.06
CA SER B 170 -8.38 13.08 -23.00
C SER B 170 -8.91 13.75 -21.73
N TYR B 171 -10.14 13.42 -21.36
CA TYR B 171 -10.86 14.02 -20.26
C TYR B 171 -10.87 13.07 -19.06
N ARG B 172 -10.60 13.61 -17.87
CA ARG B 172 -10.70 12.87 -16.61
C ARG B 172 -11.66 13.61 -15.70
N ALA B 173 -12.95 13.35 -15.88
CA ALA B 173 -13.98 14.10 -15.17
C ALA B 173 -14.64 13.28 -14.08
N HIS B 174 -14.68 11.98 -14.25
CA HIS B 174 -15.31 11.07 -13.34
C HIS B 174 -14.36 10.69 -12.19
N ALA B 175 -14.94 10.05 -11.17
CA ALA B 175 -14.21 9.61 -10.00
C ALA B 175 -14.25 8.08 -9.83
N ALA B 176 -14.66 7.36 -10.88
CA ALA B 176 -14.78 5.91 -10.86
C ALA B 176 -14.79 5.43 -12.32
N GLN B 177 -14.84 4.10 -12.50
CA GLN B 177 -14.75 3.55 -13.85
C GLN B 177 -15.89 4.04 -14.72
N VAL B 178 -15.57 4.40 -15.95
CA VAL B 178 -16.56 4.93 -16.88
C VAL B 178 -17.34 3.73 -17.43
N THR B 179 -18.66 3.73 -17.20
CA THR B 179 -19.54 2.62 -17.52
C THR B 179 -20.13 2.71 -18.91
N CYS B 180 -20.48 3.92 -19.37
CA CYS B 180 -21.16 4.07 -20.66
C CYS B 180 -20.97 5.46 -21.24
N VAL B 181 -20.73 5.55 -22.56
CA VAL B 181 -20.72 6.82 -23.27
C VAL B 181 -21.63 6.70 -24.49
N ALA B 182 -22.44 7.71 -24.75
CA ALA B 182 -23.40 7.66 -25.86
C ALA B 182 -23.43 9.02 -26.56
N ALA B 183 -22.90 9.06 -27.79
CA ALA B 183 -22.75 10.30 -28.54
C ALA B 183 -24.09 10.73 -29.09
N SER B 184 -24.42 12.00 -28.95
CA SER B 184 -25.66 12.51 -29.50
C SER B 184 -25.74 12.18 -30.97
N PRO B 185 -26.94 11.93 -31.48
CA PRO B 185 -27.08 11.50 -32.88
C PRO B 185 -26.87 12.61 -33.91
N HIS B 186 -26.87 13.90 -33.50
CA HIS B 186 -26.84 15.01 -34.44
C HIS B 186 -25.79 16.10 -34.19
N LYS B 187 -25.16 16.17 -33.03
CA LYS B 187 -24.17 17.19 -32.77
C LYS B 187 -22.84 16.54 -32.49
N ASP B 188 -21.78 17.00 -33.18
CA ASP B 188 -20.46 16.41 -33.04
C ASP B 188 -19.83 16.75 -31.72
N SER B 189 -20.29 17.82 -31.10
CA SER B 189 -19.71 18.34 -29.89
C SER B 189 -20.35 17.77 -28.64
N VAL B 190 -21.39 16.98 -28.76
CA VAL B 190 -22.24 16.68 -27.61
C VAL B 190 -22.34 15.19 -27.43
N PHE B 191 -22.09 14.73 -26.21
CA PHE B 191 -22.24 13.32 -25.90
C PHE B 191 -22.45 13.10 -24.42
N LEU B 192 -22.96 11.92 -24.09
CA LEU B 192 -23.28 11.56 -22.73
C LEU B 192 -22.26 10.60 -22.16
N SER B 193 -22.12 10.62 -20.83
CA SER B 193 -21.30 9.63 -20.14
C SER B 193 -21.87 9.40 -18.75
N CYS B 194 -21.69 8.18 -18.27
CA CYS B 194 -22.10 7.80 -16.93
C CYS B 194 -21.04 6.87 -16.38
N SER B 195 -20.88 6.94 -15.07
CA SER B 195 -19.78 6.26 -14.39
C SER B 195 -20.27 5.66 -13.08
N GLU B 196 -19.47 4.75 -12.57
CA GLU B 196 -19.72 4.20 -11.25
C GLU B 196 -19.55 5.24 -10.14
N ASP B 197 -19.29 6.51 -10.44
CA ASP B 197 -19.25 7.54 -9.41
C ASP B 197 -20.59 8.24 -9.24
N ASN B 198 -21.66 7.58 -9.68
CA ASN B 198 -23.02 8.12 -9.62
C ASN B 198 -23.19 9.43 -10.38
N ARG B 199 -22.41 9.63 -11.41
CA ARG B 199 -22.49 10.84 -12.19
C ARG B 199 -22.96 10.52 -13.60
N ILE B 200 -23.88 11.36 -14.09
CA ILE B 200 -24.23 11.43 -15.50
C ILE B 200 -23.77 12.80 -15.99
N LEU B 201 -22.92 12.84 -17.00
CA LEU B 201 -22.41 14.06 -17.58
C LEU B 201 -22.93 14.25 -19.01
N LEU B 202 -23.26 15.51 -19.33
CA LEU B 202 -23.56 15.97 -20.69
C LEU B 202 -22.39 16.84 -21.16
N TRP B 203 -21.91 16.57 -22.35
CA TRP B 203 -20.67 17.18 -22.78
C TRP B 203 -20.93 18.01 -24.03
N ASP B 204 -20.21 19.13 -24.12
CA ASP B 204 -20.16 20.05 -25.25
C ASP B 204 -18.69 20.47 -25.36
N THR B 205 -17.94 19.83 -26.26
CA THR B 205 -16.54 20.15 -26.54
C THR B 205 -16.26 21.63 -26.83
N ARG B 206 -17.32 22.41 -27.01
CA ARG B 206 -17.19 23.82 -27.35
C ARG B 206 -17.06 24.70 -26.14
N CYS B 207 -17.44 24.22 -25.01
CA CYS B 207 -17.29 24.91 -23.74
C CYS B 207 -15.91 24.62 -23.17
N PRO B 208 -15.34 25.56 -22.42
CA PRO B 208 -14.03 25.32 -21.79
C PRO B 208 -14.13 24.40 -20.57
N LYS B 209 -15.32 24.23 -20.00
CA LYS B 209 -15.61 23.18 -19.05
C LYS B 209 -16.65 22.33 -19.78
N PRO B 210 -16.21 21.34 -20.56
CA PRO B 210 -17.14 20.63 -21.44
C PRO B 210 -18.27 19.93 -20.71
N ALA B 211 -18.01 19.35 -19.56
CA ALA B 211 -18.95 18.43 -18.97
C ALA B 211 -19.82 19.12 -17.94
N SER B 212 -21.06 18.68 -17.86
CA SER B 212 -22.01 19.28 -16.94
C SER B 212 -22.83 18.15 -16.36
N GLN B 213 -23.01 18.20 -15.03
CA GLN B 213 -23.57 17.09 -14.26
C GLN B 213 -25.08 17.18 -14.20
N ILE B 214 -25.73 16.11 -14.64
CA ILE B 214 -27.16 15.90 -14.59
C ILE B 214 -27.47 14.89 -13.50
N GLY B 215 -28.65 14.96 -12.94
CA GLY B 215 -29.14 13.85 -12.18
C GLY B 215 -30.03 14.28 -11.05
N CYS B 216 -30.32 13.31 -10.18
CA CYS B 216 -31.27 13.42 -9.10
C CYS B 216 -30.80 14.42 -8.06
N SER B 217 -31.75 14.96 -7.29
CA SER B 217 -31.39 15.81 -6.17
C SER B 217 -30.58 15.04 -5.13
N ALA B 218 -30.92 13.77 -4.92
CA ALA B 218 -30.32 12.93 -3.89
C ALA B 218 -29.59 11.75 -4.53
N PRO B 219 -28.54 11.23 -3.88
CA PRO B 219 -27.83 10.08 -4.45
C PRO B 219 -28.75 8.87 -4.52
N GLY B 220 -28.90 8.34 -5.75
CA GLY B 220 -29.69 7.15 -6.00
C GLY B 220 -28.83 5.92 -6.22
N TYR B 221 -29.12 5.16 -7.29
CA TYR B 221 -28.39 3.96 -7.66
C TYR B 221 -27.51 4.23 -8.89
N LEU B 222 -26.44 3.48 -9.02
CA LEU B 222 -25.44 3.81 -10.02
C LEU B 222 -26.02 3.70 -11.42
N PRO B 223 -25.78 4.66 -12.30
CA PRO B 223 -26.23 4.57 -13.68
C PRO B 223 -25.30 3.70 -14.53
N THR B 224 -25.90 3.00 -15.50
CA THR B 224 -25.21 1.93 -16.20
C THR B 224 -25.39 1.99 -17.71
N SER B 225 -26.56 2.44 -18.16
CA SER B 225 -26.84 2.46 -19.59
C SER B 225 -27.40 3.80 -20.02
N LEU B 226 -27.01 4.24 -21.22
CA LEU B 226 -27.43 5.53 -21.78
C LEU B 226 -27.90 5.39 -23.23
N ALA B 227 -29.07 5.92 -23.53
CA ALA B 227 -29.56 5.89 -24.89
C ALA B 227 -30.14 7.25 -25.24
N TRP B 228 -29.66 7.83 -26.35
CA TRP B 228 -30.19 9.11 -26.79
C TRP B 228 -31.54 8.90 -27.46
N HIS B 229 -32.37 9.95 -27.43
CA HIS B 229 -33.60 9.75 -28.18
C HIS B 229 -33.39 10.21 -29.63
N PRO B 230 -33.87 9.42 -30.61
CA PRO B 230 -33.54 9.69 -32.01
C PRO B 230 -34.31 10.83 -32.63
N GLN B 231 -35.14 11.53 -31.87
CA GLN B 231 -36.01 12.57 -32.42
C GLN B 231 -36.10 13.81 -31.56
N GLN B 232 -35.79 13.76 -30.29
CA GLN B 232 -35.70 14.98 -29.50
C GLN B 232 -34.26 15.09 -29.05
N SER B 233 -33.61 16.18 -29.44
CA SER B 233 -32.16 16.31 -29.31
C SER B 233 -31.74 16.59 -27.88
N GLU B 234 -32.69 16.86 -26.98
CA GLU B 234 -32.38 17.16 -25.57
C GLU B 234 -32.92 16.12 -24.62
N VAL B 235 -33.47 15.01 -25.14
CA VAL B 235 -34.09 13.96 -24.36
C VAL B 235 -33.28 12.69 -24.46
N PHE B 236 -33.13 11.99 -23.33
CA PHE B 236 -32.53 10.67 -23.36
C PHE B 236 -33.07 9.80 -22.22
N VAL B 237 -32.65 8.53 -22.25
CA VAL B 237 -33.03 7.56 -21.23
C VAL B 237 -31.76 6.98 -20.62
N PHE B 238 -31.84 6.68 -19.33
CA PHE B 238 -30.77 5.94 -18.67
C PHE B 238 -31.35 4.87 -17.75
N GLY B 239 -30.60 3.77 -17.64
CA GLY B 239 -30.97 2.68 -16.74
C GLY B 239 -29.91 2.49 -15.67
N ASP B 240 -30.35 2.16 -14.45
CA ASP B 240 -29.46 2.04 -13.29
C ASP B 240 -29.22 0.57 -12.93
N GLU B 241 -28.28 0.34 -11.98
CA GLU B 241 -27.89 -1.00 -11.54
C GLU B 241 -28.97 -1.74 -10.78
N ASN B 242 -30.04 -1.07 -10.37
CA ASN B 242 -31.16 -1.67 -9.66
C ASN B 242 -32.27 -2.16 -10.59
N GLY B 243 -32.23 -1.83 -11.86
CA GLY B 243 -33.18 -2.35 -12.81
C GLY B 243 -34.28 -1.39 -13.18
N THR B 244 -34.07 -0.11 -12.99
CA THR B 244 -35.05 0.91 -13.26
C THR B 244 -34.58 1.75 -14.44
N VAL B 245 -35.50 2.04 -15.36
CA VAL B 245 -35.23 2.88 -16.54
C VAL B 245 -35.94 4.21 -16.35
N SER B 246 -35.28 5.29 -16.79
CA SER B 246 -35.76 6.64 -16.53
C SER B 246 -35.57 7.49 -17.77
N LEU B 247 -36.43 8.50 -17.89
CA LEU B 247 -36.50 9.35 -19.07
C LEU B 247 -36.32 10.80 -18.66
N VAL B 248 -35.33 11.47 -19.25
CA VAL B 248 -34.97 12.80 -18.80
C VAL B 248 -34.77 13.76 -19.96
N ASP B 249 -34.92 15.04 -19.63
CA ASP B 249 -34.93 16.14 -20.57
C ASP B 249 -33.99 17.21 -20.03
N THR B 250 -32.96 17.53 -20.81
CA THR B 250 -32.04 18.56 -20.38
C THR B 250 -32.75 19.94 -20.52
N VAL B 256 -37.88 12.96 -13.84
CA VAL B 256 -39.16 12.26 -13.64
C VAL B 256 -39.46 11.28 -14.77
N LEU B 257 -40.57 10.54 -14.63
CA LEU B 257 -40.97 9.42 -15.48
C LEU B 257 -39.98 8.25 -15.42
N SER B 258 -40.38 7.15 -14.78
CA SER B 258 -39.48 6.04 -14.59
C SER B 258 -40.29 4.79 -14.27
N SER B 259 -39.75 3.63 -14.63
CA SER B 259 -40.39 2.38 -14.22
C SER B 259 -39.35 1.33 -13.85
N ALA B 260 -39.70 0.48 -12.89
CA ALA B 260 -38.85 -0.63 -12.50
C ALA B 260 -39.11 -1.78 -13.47
N VAL B 261 -38.22 -1.94 -14.43
CA VAL B 261 -38.45 -2.88 -15.52
C VAL B 261 -37.84 -4.23 -15.20
N HIS B 262 -36.61 -4.20 -14.70
CA HIS B 262 -35.85 -5.40 -14.43
C HIS B 262 -35.55 -5.51 -12.94
N SER B 263 -35.25 -6.73 -12.54
CA SER B 263 -34.83 -7.01 -11.18
C SER B 263 -33.37 -6.71 -10.95
N GLN B 264 -32.57 -6.67 -12.01
CA GLN B 264 -31.12 -6.54 -11.96
C GLN B 264 -30.65 -5.43 -12.90
N CYS B 265 -29.33 -5.22 -12.94
CA CYS B 265 -28.73 -4.10 -13.66
C CYS B 265 -29.21 -4.02 -15.10
N VAL B 266 -29.40 -2.80 -15.60
CA VAL B 266 -29.82 -2.57 -16.98
C VAL B 266 -28.55 -2.33 -17.81
N THR B 267 -28.17 -3.34 -18.60
CA THR B 267 -26.89 -3.32 -19.30
C THR B 267 -26.93 -2.51 -20.58
N GLY B 268 -28.11 -2.32 -21.18
CA GLY B 268 -28.20 -1.53 -22.39
C GLY B 268 -29.62 -1.12 -22.68
N LEU B 269 -29.75 -0.09 -23.53
CA LEU B 269 -31.06 0.38 -23.99
C LEU B 269 -30.94 0.84 -25.45
N VAL B 270 -31.88 0.43 -26.29
CA VAL B 270 -31.78 0.69 -27.72
C VAL B 270 -33.15 1.02 -28.28
N PHE B 271 -33.22 2.09 -29.09
CA PHE B 271 -34.44 2.59 -29.66
C PHE B 271 -34.70 1.98 -31.03
N SER B 272 -35.97 1.75 -31.32
CA SER B 272 -36.37 1.11 -32.56
C SER B 272 -36.33 2.13 -33.67
N PRO B 273 -36.22 1.67 -34.92
CA PRO B 273 -36.10 2.62 -36.03
C PRO B 273 -37.45 3.16 -36.49
N HIS B 274 -38.48 3.05 -35.66
CA HIS B 274 -39.83 3.41 -36.06
C HIS B 274 -39.99 4.92 -36.11
N SER B 275 -41.12 5.34 -36.69
CA SER B 275 -41.50 6.75 -36.66
C SER B 275 -41.64 7.24 -35.23
N VAL B 276 -42.37 6.49 -34.40
CA VAL B 276 -42.41 6.69 -32.96
C VAL B 276 -41.69 5.49 -32.31
N PRO B 277 -40.54 5.69 -31.68
CA PRO B 277 -39.66 4.56 -31.40
C PRO B 277 -40.02 3.84 -30.11
N PHE B 278 -39.73 2.54 -30.13
CA PHE B 278 -39.89 1.66 -29.00
C PHE B 278 -38.55 1.49 -28.31
N LEU B 279 -38.57 1.37 -27.00
CA LEU B 279 -37.36 1.27 -26.21
C LEU B 279 -37.12 -0.18 -25.83
N ALA B 280 -35.94 -0.70 -26.17
CA ALA B 280 -35.54 -2.04 -25.79
C ALA B 280 -34.59 -1.97 -24.61
N SER B 281 -34.83 -2.81 -23.59
CA SER B 281 -34.02 -2.85 -22.38
C SER B 281 -33.54 -4.27 -22.10
N LEU B 282 -32.30 -4.32 -21.60
CA LEU B 282 -31.53 -5.51 -21.42
C LEU B 282 -30.96 -5.51 -20.01
N SER B 283 -30.88 -6.69 -19.40
CA SER B 283 -30.52 -6.80 -18.00
C SER B 283 -29.72 -8.07 -17.74
N GLU B 284 -29.03 -8.06 -16.61
CA GLU B 284 -28.37 -9.23 -16.09
C GLU B 284 -29.33 -10.22 -15.43
N ASP B 285 -30.64 -10.03 -15.55
CA ASP B 285 -31.60 -11.07 -15.17
C ASP B 285 -32.04 -11.91 -16.36
N CYS B 286 -31.31 -11.82 -17.48
CA CYS B 286 -31.46 -12.72 -18.60
C CYS B 286 -32.79 -12.54 -19.30
N SER B 287 -33.32 -11.33 -19.23
CA SER B 287 -34.59 -11.02 -19.84
C SER B 287 -34.45 -9.77 -20.68
N LEU B 288 -35.37 -9.63 -21.63
CA LEU B 288 -35.47 -8.46 -22.47
C LEU B 288 -36.89 -7.91 -22.38
N ALA B 289 -36.99 -6.59 -22.43
CA ALA B 289 -38.29 -5.93 -22.39
C ALA B 289 -38.31 -4.82 -23.42
N VAL B 290 -39.50 -4.57 -23.93
CA VAL B 290 -39.72 -3.53 -24.91
C VAL B 290 -40.85 -2.65 -24.41
N LEU B 291 -40.55 -1.36 -24.30
CA LEU B 291 -41.33 -0.32 -23.66
C LEU B 291 -41.72 0.72 -24.69
N ASP B 292 -42.76 1.48 -24.38
CA ASP B 292 -43.20 2.50 -25.32
C ASP B 292 -42.55 3.84 -24.96
N SER B 293 -43.37 4.88 -24.80
CA SER B 293 -42.89 6.21 -24.48
C SER B 293 -43.32 6.66 -23.09
N SER B 294 -44.34 6.05 -22.53
CA SER B 294 -44.56 6.13 -21.09
C SER B 294 -43.87 4.98 -20.36
N LEU B 295 -42.88 4.34 -21.00
CA LEU B 295 -42.14 3.25 -20.39
C LEU B 295 -43.05 2.16 -19.84
N SER B 296 -44.20 1.98 -20.48
CA SER B 296 -45.05 0.83 -20.20
C SER B 296 -44.59 -0.37 -21.02
N GLU B 297 -44.36 -1.48 -20.34
CA GLU B 297 -43.90 -2.70 -21.02
C GLU B 297 -44.94 -3.19 -22.01
N LEU B 298 -44.47 -3.69 -23.13
CA LEU B 298 -45.27 -4.21 -24.23
C LEU B 298 -44.81 -5.58 -24.68
N PHE B 299 -43.50 -5.82 -24.63
CA PHE B 299 -42.95 -7.13 -24.97
C PHE B 299 -42.03 -7.58 -23.86
N ARG B 300 -41.99 -8.91 -23.66
CA ARG B 300 -41.20 -9.54 -22.61
C ARG B 300 -40.66 -10.87 -23.12
N SER B 301 -39.36 -11.05 -23.04
CA SER B 301 -38.75 -12.30 -23.48
C SER B 301 -37.75 -12.80 -22.44
N GLN B 302 -37.77 -14.13 -22.22
CA GLN B 302 -36.85 -14.80 -21.32
C GLN B 302 -36.19 -15.98 -22.02
N ALA B 303 -36.20 -15.98 -23.35
CA ALA B 303 -35.56 -17.04 -24.12
C ALA B 303 -34.10 -17.17 -23.80
N HIS B 304 -33.47 -16.09 -23.40
CA HIS B 304 -32.07 -16.16 -23.07
C HIS B 304 -31.84 -16.79 -21.71
N ARG B 305 -30.72 -17.52 -21.63
CA ARG B 305 -30.33 -18.30 -20.47
C ARG B 305 -29.16 -17.70 -19.70
N ASP B 306 -28.52 -16.67 -20.22
CA ASP B 306 -27.43 -15.98 -19.56
C ASP B 306 -27.64 -14.50 -19.79
N PHE B 307 -26.72 -13.69 -19.28
CA PHE B 307 -26.88 -12.25 -19.36
C PHE B 307 -27.16 -11.84 -20.80
N VAL B 308 -28.22 -11.05 -20.99
CA VAL B 308 -28.59 -10.56 -22.31
C VAL B 308 -27.84 -9.27 -22.55
N ARG B 309 -26.89 -9.31 -23.49
CA ARG B 309 -25.81 -8.35 -23.58
C ARG B 309 -26.12 -7.22 -24.53
N ASP B 310 -26.58 -7.52 -25.76
CA ASP B 310 -26.82 -6.46 -26.75
C ASP B 310 -28.08 -6.75 -27.57
N ALA B 311 -28.69 -5.67 -28.05
CA ALA B 311 -29.93 -5.76 -28.83
C ALA B 311 -29.89 -4.80 -30.01
N THR B 312 -30.26 -5.30 -31.19
CA THR B 312 -30.23 -4.45 -32.38
C THR B 312 -31.46 -4.68 -33.25
N TRP B 313 -31.98 -3.59 -33.77
CA TRP B 313 -33.22 -3.63 -34.50
C TRP B 313 -32.97 -3.79 -35.99
N SER B 314 -33.82 -4.56 -36.64
CA SER B 314 -33.69 -4.81 -38.07
C SER B 314 -34.01 -3.58 -38.91
N PRO B 315 -33.18 -3.23 -39.90
CA PRO B 315 -33.43 -2.04 -40.71
C PRO B 315 -34.42 -2.29 -41.81
N LEU B 316 -34.83 -3.53 -41.99
CA LEU B 316 -35.74 -3.95 -43.04
C LEU B 316 -37.09 -4.33 -42.44
N ASN B 317 -37.09 -5.18 -41.43
CA ASN B 317 -38.31 -5.54 -40.72
C ASN B 317 -38.31 -4.82 -39.38
N HIS B 318 -39.09 -3.75 -39.29
CA HIS B 318 -39.04 -2.92 -38.10
C HIS B 318 -39.65 -3.57 -36.87
N SER B 319 -40.43 -4.64 -37.02
CA SER B 319 -40.93 -5.31 -35.83
C SER B 319 -40.08 -6.51 -35.46
N LEU B 320 -38.83 -6.53 -35.89
CA LEU B 320 -37.91 -7.64 -35.66
C LEU B 320 -36.68 -7.14 -34.88
N LEU B 321 -36.34 -7.86 -33.81
CA LEU B 321 -35.30 -7.44 -32.87
C LEU B 321 -34.37 -8.60 -32.53
N THR B 322 -33.08 -8.42 -32.78
CA THR B 322 -32.11 -9.47 -32.53
C THR B 322 -31.35 -9.20 -31.23
N THR B 323 -31.11 -10.27 -30.47
CA THR B 323 -30.48 -10.19 -29.16
C THR B 323 -29.40 -11.23 -29.02
N VAL B 324 -28.31 -10.84 -28.42
CA VAL B 324 -27.25 -11.78 -28.10
C VAL B 324 -26.94 -11.77 -26.61
N GLY B 325 -26.55 -12.95 -26.11
CA GLY B 325 -26.25 -13.15 -24.72
C GLY B 325 -24.99 -13.97 -24.53
N TRP B 326 -24.66 -14.20 -23.27
CA TRP B 326 -23.51 -15.01 -22.92
C TRP B 326 -23.76 -16.50 -23.06
N ASP B 327 -24.98 -16.89 -23.47
CA ASP B 327 -25.37 -18.27 -23.70
C ASP B 327 -25.23 -18.68 -25.17
N HIS B 328 -24.42 -17.94 -25.92
CA HIS B 328 -24.15 -18.19 -27.34
C HIS B 328 -25.40 -18.22 -28.19
N GLN B 329 -26.43 -17.51 -27.77
CA GLN B 329 -27.68 -17.45 -28.50
C GLN B 329 -27.77 -16.15 -29.30
N VAL B 330 -28.24 -16.26 -30.53
CA VAL B 330 -28.63 -15.13 -31.36
C VAL B 330 -30.12 -15.31 -31.61
N VAL B 331 -30.94 -14.55 -30.92
CA VAL B 331 -32.37 -14.80 -30.86
C VAL B 331 -33.11 -13.67 -31.55
N HIS B 332 -34.08 -13.99 -32.39
CA HIS B 332 -34.83 -13.00 -33.14
C HIS B 332 -36.27 -12.92 -32.65
N HIS B 333 -36.74 -11.71 -32.34
CA HIS B 333 -38.02 -11.52 -31.69
C HIS B 333 -38.99 -10.77 -32.59
N VAL B 334 -40.24 -11.23 -32.57
CA VAL B 334 -41.34 -10.60 -33.28
C VAL B 334 -42.03 -9.69 -32.28
N VAL B 335 -41.86 -8.40 -32.45
CA VAL B 335 -42.36 -7.40 -31.51
C VAL B 335 -43.63 -6.79 -32.08
N PRO B 336 -44.72 -6.71 -31.32
CA PRO B 336 -45.89 -5.96 -31.80
C PRO B 336 -45.66 -4.43 -31.97
#